data_5MGS
#
_entry.id   5MGS
#
_cell.length_a   44.806
_cell.length_b   68.404
_cell.length_c   101.564
_cell.angle_alpha   101.88
_cell.angle_beta   100.72
_cell.angle_gamma   100.64
#
_symmetry.space_group_name_H-M   'P 1'
#
loop_
_entity.id
_entity.type
_entity.pdbx_description
1 polymer 'Killer cell lectin-like receptor subfamily B member 1'
2 non-polymer 2-acetamido-2-deoxy-beta-D-glucopyranose
3 water water
#
_entity_poly.entity_id   1
_entity_poly.type   'polypeptide(L)'
_entity_poly.pdbx_seq_one_letter_code
;ETGGLLNCPIYWQQLREKCLLFSHTVNPWNNSLADCSTKESSLLLIRDKDELIHTQNLIRDKAILFWIGLNFSLSEKNWK
WINGSFLNSNDLEIRGDAKENSCISISQTSVYSEYCSTEIRWICQKELTPVRNKVYPDSKHHHHHH
;
_entity_poly.pdbx_strand_id   A,B,C,D,E,F,G,H
#
# COMPACT_ATOMS: atom_id res chain seq x y z
N LEU A 5 -43.01 -39.47 16.79
CA LEU A 5 -42.97 -38.96 15.37
C LEU A 5 -43.97 -37.81 15.06
N LEU A 6 -43.37 -36.85 14.40
CA LEU A 6 -43.78 -35.45 14.34
C LEU A 6 -43.82 -35.05 12.87
N ASN A 7 -44.26 -33.83 12.62
CA ASN A 7 -44.61 -33.41 11.30
C ASN A 7 -43.45 -32.87 10.43
N CYS A 8 -42.30 -32.52 10.99
CA CYS A 8 -41.26 -31.76 10.28
C CYS A 8 -39.91 -32.44 10.28
N PRO A 9 -39.05 -32.16 9.27
CA PRO A 9 -37.67 -32.60 9.26
C PRO A 9 -36.90 -32.10 10.45
N ILE A 10 -35.87 -32.85 10.81
CA ILE A 10 -34.96 -32.54 11.88
C ILE A 10 -34.40 -31.13 11.68
N TYR A 11 -34.32 -30.32 12.74
CA TYR A 11 -33.99 -28.89 12.74
C TYR A 11 -35.08 -27.91 12.28
N TRP A 12 -36.15 -28.38 11.71
CA TRP A 12 -37.25 -27.50 11.30
C TRP A 12 -38.24 -27.43 12.45
N GLN A 13 -38.92 -26.30 12.59
CA GLN A 13 -39.83 -26.07 13.68
C GLN A 13 -41.19 -26.08 13.05
N GLN A 14 -42.11 -26.82 13.66
CA GLN A 14 -43.47 -26.80 13.24
C GLN A 14 -44.13 -25.55 13.74
N LEU A 15 -44.86 -24.89 12.88
CA LEU A 15 -45.80 -23.87 13.28
C LEU A 15 -47.06 -23.99 12.48
N ARG A 16 -48.11 -24.44 13.16
CA ARG A 16 -49.47 -24.63 12.55
C ARG A 16 -49.32 -25.59 11.39
N GLU A 17 -49.62 -25.21 10.14
CA GLU A 17 -49.45 -26.19 9.06
C GLU A 17 -48.19 -25.91 8.26
N LYS A 18 -47.10 -25.42 8.89
CA LYS A 18 -45.84 -25.28 8.18
C LYS A 18 -44.68 -25.80 8.97
N CYS A 19 -43.59 -26.17 8.30
CA CYS A 19 -42.29 -26.40 8.89
C CYS A 19 -41.40 -25.21 8.46
N LEU A 20 -40.79 -24.57 9.45
CA LEU A 20 -39.90 -23.42 9.30
C LEU A 20 -38.48 -23.70 9.68
N LEU A 21 -37.57 -23.14 8.90
CA LEU A 21 -36.15 -23.20 9.21
C LEU A 21 -35.63 -21.74 9.31
N PHE A 22 -35.12 -21.41 10.47
CA PHE A 22 -34.56 -20.08 10.81
C PHE A 22 -33.08 -20.21 10.64
N SER A 23 -32.48 -19.55 9.64
CA SER A 23 -31.05 -19.64 9.41
C SER A 23 -30.25 -19.11 10.62
N HIS A 24 -29.02 -19.56 10.72
CA HIS A 24 -28.11 -19.08 11.76
CA HIS A 24 -28.08 -19.11 11.76
C HIS A 24 -27.02 -18.20 11.16
N THR A 25 -26.93 -18.20 9.83
CA THR A 25 -25.95 -17.43 9.07
CA THR A 25 -25.95 -17.44 9.08
C THR A 25 -26.71 -16.35 8.29
N VAL A 26 -25.98 -15.49 7.59
CA VAL A 26 -26.58 -14.32 6.96
C VAL A 26 -26.34 -14.35 5.49
N ASN A 27 -27.17 -13.63 4.77
CA ASN A 27 -27.08 -13.52 3.33
C ASN A 27 -27.87 -12.32 2.82
N PRO A 28 -27.50 -11.77 1.64
CA PRO A 28 -28.40 -10.83 1.00
C PRO A 28 -29.66 -11.61 0.56
N TRP A 29 -30.68 -10.91 0.19
CA TRP A 29 -31.94 -11.52 -0.09
C TRP A 29 -31.87 -12.52 -1.25
N ASN A 30 -31.19 -12.18 -2.35
CA ASN A 30 -31.14 -13.09 -3.51
C ASN A 30 -30.50 -14.46 -3.13
N ASN A 31 -29.46 -14.45 -2.31
CA ASN A 31 -28.83 -15.69 -1.86
C ASN A 31 -29.68 -16.52 -0.94
N SER A 32 -30.50 -15.82 -0.15
CA SER A 32 -31.50 -16.40 0.72
C SER A 32 -32.55 -17.15 -0.05
N LEU A 33 -33.10 -16.54 -1.08
CA LEU A 33 -34.04 -17.25 -1.98
C LEU A 33 -33.37 -18.48 -2.58
N ALA A 34 -32.13 -18.34 -3.07
CA ALA A 34 -31.40 -19.48 -3.66
C ALA A 34 -31.18 -20.57 -2.63
N ASP A 35 -30.91 -20.20 -1.38
CA ASP A 35 -30.76 -21.17 -0.31
C ASP A 35 -32.02 -21.99 -0.06
N CYS A 36 -33.16 -21.31 0.09
CA CYS A 36 -34.39 -21.99 0.28
C CYS A 36 -34.68 -22.91 -0.90
N SER A 37 -34.47 -22.45 -2.12
CA SER A 37 -34.75 -23.28 -3.30
C SER A 37 -33.85 -24.54 -3.27
N THR A 38 -32.57 -24.36 -2.93
CA THR A 38 -31.63 -25.44 -2.79
C THR A 38 -32.09 -26.44 -1.77
N LYS A 39 -32.69 -25.98 -0.68
CA LYS A 39 -33.29 -26.83 0.36
C LYS A 39 -34.72 -27.33 0.03
N GLU A 40 -35.17 -27.10 -1.20
CA GLU A 40 -36.52 -27.55 -1.67
C GLU A 40 -37.58 -26.95 -0.82
N SER A 41 -37.50 -25.63 -0.74
CA SER A 41 -38.32 -24.89 0.18
C SER A 41 -38.54 -23.49 -0.37
N SER A 42 -39.49 -22.80 0.23
CA SER A 42 -39.84 -21.45 -0.14
C SER A 42 -39.28 -20.43 0.95
N LEU A 43 -38.86 -19.26 0.53
CA LEU A 43 -38.77 -18.15 1.52
C LEU A 43 -40.16 -17.95 2.16
N LEU A 44 -40.17 -17.57 3.41
CA LEU A 44 -41.38 -17.43 4.18
C LEU A 44 -42.44 -16.57 3.52
N LEU A 45 -43.65 -17.09 3.49
CA LEU A 45 -44.85 -16.46 3.04
C LEU A 45 -45.75 -16.23 4.26
N ILE A 46 -46.36 -15.06 4.35
CA ILE A 46 -47.18 -14.69 5.47
C ILE A 46 -48.54 -14.23 4.96
N ARG A 47 -49.54 -14.97 5.32
CA ARG A 47 -50.87 -14.72 4.73
C ARG A 47 -51.62 -13.60 5.40
N ASP A 48 -51.40 -13.40 6.67
CA ASP A 48 -52.08 -12.33 7.39
C ASP A 48 -51.44 -12.07 8.73
N LYS A 49 -52.07 -11.20 9.50
CA LYS A 49 -51.54 -10.68 10.76
C LYS A 49 -51.43 -11.78 11.76
N ASP A 50 -52.34 -12.76 11.73
CA ASP A 50 -52.28 -13.83 12.73
CA ASP A 50 -52.30 -13.85 12.69
C ASP A 50 -51.10 -14.78 12.46
N GLU A 51 -50.79 -15.06 11.20
CA GLU A 51 -49.62 -15.91 10.92
C GLU A 51 -48.33 -15.09 11.24
N LEU A 52 -48.32 -13.79 10.96
CA LEU A 52 -47.18 -12.93 11.35
C LEU A 52 -46.91 -13.01 12.81
N ILE A 53 -47.96 -12.82 13.61
CA ILE A 53 -47.80 -12.82 15.06
C ILE A 53 -47.29 -14.14 15.61
N HIS A 54 -47.84 -15.21 15.12
CA HIS A 54 -47.36 -16.55 15.54
C HIS A 54 -45.96 -16.88 15.12
N THR A 55 -45.57 -16.40 13.93
CA THR A 55 -44.18 -16.61 13.51
C THR A 55 -43.17 -15.79 14.35
N GLN A 56 -43.53 -14.53 14.60
CA GLN A 56 -42.79 -13.62 15.47
C GLN A 56 -42.63 -14.14 16.84
N ASN A 57 -43.59 -14.88 17.34
CA ASN A 57 -43.41 -15.53 18.66
C ASN A 57 -42.23 -16.55 18.71
N LEU A 58 -41.87 -17.13 17.55
CA LEU A 58 -40.71 -17.98 17.47
C LEU A 58 -39.41 -17.27 17.55
N ILE A 59 -39.42 -15.93 17.37
CA ILE A 59 -38.13 -15.16 17.39
C ILE A 59 -37.98 -14.62 18.81
N ARG A 60 -37.06 -15.17 19.52
CA ARG A 60 -36.87 -14.87 20.91
C ARG A 60 -35.83 -13.77 21.16
N ASP A 61 -34.95 -13.48 20.21
CA ASP A 61 -34.07 -12.27 20.27
C ASP A 61 -34.68 -11.05 19.58
N LYS A 62 -34.76 -9.94 20.32
CA LYS A 62 -35.31 -8.68 19.86
C LYS A 62 -34.53 -8.00 18.77
N ALA A 63 -33.24 -8.19 18.68
CA ALA A 63 -32.55 -7.41 17.63
C ALA A 63 -32.93 -7.95 16.20
N ILE A 64 -32.81 -9.27 16.10
CA ILE A 64 -32.55 -10.03 14.90
C ILE A 64 -33.62 -9.90 13.87
N LEU A 65 -33.19 -9.63 12.65
CA LEU A 65 -34.05 -9.61 11.49
C LEU A 65 -33.91 -10.86 10.60
N PHE A 66 -35.00 -11.21 9.95
CA PHE A 66 -35.07 -12.41 9.05
C PHE A 66 -35.73 -12.03 7.74
N TRP A 67 -35.04 -12.30 6.63
CA TRP A 67 -35.68 -12.11 5.33
C TRP A 67 -36.88 -13.04 5.14
N ILE A 68 -37.91 -12.50 4.50
CA ILE A 68 -39.06 -13.31 4.05
C ILE A 68 -39.25 -13.19 2.53
N GLY A 69 -40.22 -13.89 1.98
CA GLY A 69 -40.38 -14.02 0.57
C GLY A 69 -41.11 -12.93 -0.19
N LEU A 70 -40.71 -11.71 0.09
CA LEU A 70 -41.40 -10.54 -0.33
C LEU A 70 -40.38 -9.49 -0.68
N ASN A 71 -40.50 -8.96 -1.91
CA ASN A 71 -39.63 -7.84 -2.23
C ASN A 71 -40.33 -6.79 -3.10
N PHE A 72 -39.60 -5.73 -3.42
CA PHE A 72 -40.15 -4.62 -4.22
C PHE A 72 -39.86 -4.88 -5.66
N SER A 73 -40.92 -5.04 -6.44
CA SER A 73 -40.74 -5.20 -7.89
C SER A 73 -40.58 -3.80 -8.52
N LEU A 74 -39.47 -3.58 -9.18
CA LEU A 74 -39.19 -2.30 -9.85
C LEU A 74 -40.17 -2.04 -11.03
N SER A 75 -40.42 -3.04 -11.87
CA SER A 75 -41.36 -2.88 -13.00
C SER A 75 -42.77 -2.54 -12.50
N GLU A 76 -43.24 -3.24 -11.47
CA GLU A 76 -44.60 -3.03 -10.95
C GLU A 76 -44.75 -2.01 -9.82
N LYS A 77 -43.64 -1.56 -9.24
CA LYS A 77 -43.62 -0.56 -8.17
C LYS A 77 -44.44 -0.93 -6.95
N ASN A 78 -44.49 -2.21 -6.64
CA ASN A 78 -45.14 -2.64 -5.47
C ASN A 78 -44.46 -3.88 -4.92
N TRP A 79 -44.78 -4.21 -3.70
CA TRP A 79 -44.31 -5.39 -3.03
C TRP A 79 -44.94 -6.65 -3.63
N LYS A 80 -44.12 -7.65 -3.97
CA LYS A 80 -44.59 -8.92 -4.59
C LYS A 80 -44.00 -10.11 -3.86
N TRP A 81 -44.82 -11.13 -3.64
CA TRP A 81 -44.37 -12.37 -3.04
C TRP A 81 -43.66 -13.17 -4.09
N ILE A 82 -42.79 -14.06 -3.62
CA ILE A 82 -42.12 -14.97 -4.55
C ILE A 82 -43.05 -15.94 -5.28
N ASN A 83 -44.28 -16.15 -4.75
CA ASN A 83 -45.30 -16.95 -5.47
C ASN A 83 -46.00 -16.20 -6.64
N GLY A 84 -45.56 -14.99 -6.98
CA GLY A 84 -46.15 -14.19 -8.04
C GLY A 84 -47.21 -13.15 -7.59
N SER A 85 -47.86 -13.32 -6.45
CA SER A 85 -48.96 -12.43 -6.05
C SER A 85 -48.43 -11.10 -5.46
N PHE A 86 -49.13 -10.01 -5.74
CA PHE A 86 -48.86 -8.73 -5.13
C PHE A 86 -49.25 -8.80 -3.68
N LEU A 87 -48.62 -8.00 -2.82
CA LEU A 87 -49.00 -7.93 -1.41
C LEU A 87 -50.47 -7.50 -1.31
N ASN A 88 -50.80 -6.41 -1.96
CA ASN A 88 -52.24 -6.01 -2.08
C ASN A 88 -52.96 -6.07 -0.68
N SER A 89 -52.25 -5.58 0.34
CA SER A 89 -52.77 -5.61 1.72
C SER A 89 -51.88 -4.72 2.58
N ASN A 90 -52.45 -4.19 3.68
CA ASN A 90 -51.68 -3.42 4.71
C ASN A 90 -51.53 -4.17 6.03
N ASP A 91 -51.91 -5.45 6.07
CA ASP A 91 -51.72 -6.26 7.29
C ASP A 91 -50.33 -6.31 7.89
N LEU A 92 -49.30 -6.27 7.08
CA LEU A 92 -47.95 -6.41 7.63
C LEU A 92 -47.40 -5.11 8.20
N GLU A 93 -47.99 -3.96 7.86
CA GLU A 93 -47.55 -2.66 8.45
C GLU A 93 -46.05 -2.43 8.26
N ILE A 94 -45.65 -2.47 7.00
CA ILE A 94 -44.25 -2.37 6.64
C ILE A 94 -43.63 -1.04 7.09
N ARG A 95 -42.55 -1.09 7.82
CA ARG A 95 -41.78 0.09 8.18
C ARG A 95 -40.68 0.32 7.19
N GLY A 96 -40.62 1.54 6.65
CA GLY A 96 -39.51 1.90 5.76
C GLY A 96 -40.00 2.10 4.37
N ASP A 97 -39.08 2.31 3.43
CA ASP A 97 -39.43 2.80 2.09
C ASP A 97 -39.80 1.69 1.10
N ALA A 98 -40.76 1.98 0.25
CA ALA A 98 -41.11 1.15 -0.87
C ALA A 98 -40.39 1.66 -2.08
N LYS A 99 -39.20 1.11 -2.33
CA LYS A 99 -38.36 1.63 -3.40
C LYS A 99 -37.46 0.54 -3.96
N GLU A 100 -36.86 0.84 -5.08
CA GLU A 100 -35.96 -0.07 -5.80
C GLU A 100 -34.97 -0.67 -4.81
N ASN A 101 -34.71 -1.93 -5.02
CA ASN A 101 -33.70 -2.69 -4.28
C ASN A 101 -33.97 -2.89 -2.82
N SER A 102 -35.26 -2.93 -2.51
CA SER A 102 -35.77 -3.14 -1.18
C SER A 102 -36.45 -4.50 -1.12
N CYS A 103 -36.24 -5.10 0.03
CA CYS A 103 -36.79 -6.44 0.38
C CYS A 103 -37.37 -6.39 1.78
N ILE A 104 -38.23 -7.34 2.12
CA ILE A 104 -38.88 -7.33 3.39
C ILE A 104 -38.32 -8.31 4.38
N SER A 105 -38.10 -7.84 5.61
CA SER A 105 -37.65 -8.68 6.72
C SER A 105 -38.56 -8.53 7.88
N ILE A 106 -38.45 -9.45 8.82
CA ILE A 106 -39.25 -9.41 10.04
C ILE A 106 -38.39 -9.50 11.24
N SER A 107 -38.83 -8.80 12.30
CA SER A 107 -38.29 -9.01 13.62
C SER A 107 -39.34 -9.62 14.54
N GLN A 108 -38.99 -9.79 15.80
CA GLN A 108 -39.94 -10.16 16.85
C GLN A 108 -41.12 -9.21 16.95
N THR A 109 -40.94 -7.94 16.64
CA THR A 109 -42.01 -6.98 16.83
C THR A 109 -42.45 -6.32 15.59
N SER A 110 -41.68 -6.35 14.50
CA SER A 110 -42.03 -5.49 13.37
C SER A 110 -41.67 -6.07 12.04
N VAL A 111 -42.05 -5.35 11.02
CA VAL A 111 -41.80 -5.69 9.68
C VAL A 111 -41.08 -4.50 9.01
N TYR A 112 -39.92 -4.78 8.35
CA TYR A 112 -39.04 -3.74 7.81
C TYR A 112 -38.71 -3.92 6.39
N SER A 113 -38.76 -2.84 5.63
CA SER A 113 -38.11 -2.71 4.34
C SER A 113 -36.61 -2.49 4.56
N GLU A 114 -35.77 -3.28 3.92
CA GLU A 114 -34.30 -3.12 3.96
C GLU A 114 -33.75 -3.28 2.56
N TYR A 115 -32.57 -2.69 2.33
CA TYR A 115 -31.87 -2.91 1.07
C TYR A 115 -31.61 -4.44 0.88
N CYS A 116 -31.91 -4.92 -0.32
CA CYS A 116 -31.78 -6.36 -0.64
C CYS A 116 -30.36 -6.89 -0.48
N SER A 117 -29.37 -6.01 -0.57
CA SER A 117 -27.93 -6.35 -0.34
C SER A 117 -27.57 -6.54 1.13
N THR A 118 -28.41 -6.07 2.05
CA THR A 118 -28.19 -6.25 3.46
C THR A 118 -28.06 -7.74 3.84
N GLU A 119 -27.05 -8.09 4.60
CA GLU A 119 -26.82 -9.51 4.93
C GLU A 119 -27.45 -9.81 6.31
N ILE A 120 -28.57 -10.49 6.29
CA ILE A 120 -29.25 -10.88 7.52
C ILE A 120 -29.66 -12.36 7.38
N ARG A 121 -30.20 -12.87 8.44
CA ARG A 121 -30.73 -14.22 8.46
C ARG A 121 -31.99 -14.30 7.59
N TRP A 122 -32.46 -15.54 7.34
CA TRP A 122 -33.68 -15.74 6.52
C TRP A 122 -34.47 -16.93 7.01
N ILE A 123 -35.73 -17.04 6.58
CA ILE A 123 -36.62 -18.09 7.04
C ILE A 123 -37.12 -18.84 5.77
N CYS A 124 -36.96 -20.14 5.75
CA CYS A 124 -37.54 -20.99 4.71
C CYS A 124 -38.74 -21.74 5.29
N GLN A 125 -39.67 -22.15 4.41
CA GLN A 125 -40.86 -22.91 4.82
C GLN A 125 -41.10 -24.12 3.91
N LYS A 126 -41.66 -25.17 4.52
CA LYS A 126 -42.34 -26.27 3.79
C LYS A 126 -43.75 -26.45 4.35
N GLU A 127 -44.72 -26.61 3.44
CA GLU A 127 -46.17 -26.70 3.80
C GLU A 127 -46.44 -28.13 4.23
N LEU A 128 -47.22 -28.32 5.30
CA LEU A 128 -47.59 -29.68 5.75
C LEU A 128 -48.79 -30.29 4.99
N GLY B 4 -47.64 -40.21 -3.22
CA GLY B 4 -48.49 -41.35 -2.79
C GLY B 4 -48.00 -42.65 -3.45
N LEU B 5 -48.56 -42.96 -4.59
CA LEU B 5 -48.32 -44.20 -5.31
C LEU B 5 -46.87 -44.33 -5.90
N LEU B 6 -46.45 -43.27 -6.60
CA LEU B 6 -45.19 -43.21 -7.29
C LEU B 6 -44.25 -42.28 -6.51
N ASN B 7 -42.97 -42.38 -6.83
CA ASN B 7 -41.99 -41.57 -6.16
C ASN B 7 -42.17 -40.07 -6.42
N CYS B 8 -42.65 -39.71 -7.60
CA CYS B 8 -42.79 -38.29 -7.92
C CYS B 8 -44.21 -37.86 -7.90
N PRO B 9 -44.47 -36.61 -7.51
CA PRO B 9 -45.89 -36.25 -7.55
C PRO B 9 -46.43 -36.05 -8.99
N ILE B 10 -47.75 -35.92 -9.06
CA ILE B 10 -48.49 -35.69 -10.27
C ILE B 10 -47.93 -34.46 -11.01
N TYR B 11 -47.71 -34.66 -12.31
CA TYR B 11 -47.17 -33.73 -13.28
C TYR B 11 -45.64 -33.75 -13.34
N TRP B 12 -44.97 -34.34 -12.33
CA TRP B 12 -43.53 -34.43 -12.36
C TRP B 12 -43.12 -35.74 -13.00
N GLN B 13 -41.92 -35.76 -13.54
CA GLN B 13 -41.36 -36.88 -14.21
C GLN B 13 -40.16 -37.37 -13.42
N GLN B 14 -40.17 -38.65 -13.03
CA GLN B 14 -38.93 -39.23 -12.48
C GLN B 14 -37.83 -39.48 -13.54
N LEU B 15 -36.60 -39.14 -13.24
CA LEU B 15 -35.44 -39.41 -14.01
C LEU B 15 -34.35 -39.73 -13.01
N ARG B 16 -34.10 -41.04 -12.90
CA ARG B 16 -33.18 -41.57 -11.88
C ARG B 16 -33.54 -41.17 -10.48
N GLU B 17 -32.72 -40.34 -9.87
CA GLU B 17 -32.86 -40.01 -8.49
C GLU B 17 -33.51 -38.64 -8.33
N LYS B 18 -34.10 -38.07 -9.40
CA LYS B 18 -34.79 -36.76 -9.34
C LYS B 18 -36.21 -36.83 -9.83
N CYS B 19 -37.09 -35.94 -9.32
CA CYS B 19 -38.35 -35.65 -9.92
C CYS B 19 -38.17 -34.32 -10.63
N LEU B 20 -38.66 -34.20 -11.86
CA LEU B 20 -38.49 -32.99 -12.67
C LEU B 20 -39.80 -32.40 -13.07
N LEU B 21 -39.90 -31.08 -13.10
CA LEU B 21 -41.10 -30.41 -13.62
C LEU B 21 -40.65 -29.47 -14.74
N PHE B 22 -41.15 -29.73 -15.97
CA PHE B 22 -40.84 -28.90 -17.16
C PHE B 22 -41.99 -27.92 -17.27
N SER B 23 -41.73 -26.60 -17.17
CA SER B 23 -42.80 -25.63 -17.15
C SER B 23 -43.55 -25.59 -18.51
N HIS B 24 -44.79 -25.15 -18.47
CA HIS B 24 -45.54 -24.91 -19.72
CA HIS B 24 -45.55 -24.92 -19.73
C HIS B 24 -45.68 -23.45 -20.07
N THR B 25 -45.21 -22.56 -19.20
CA THR B 25 -45.20 -21.11 -19.46
C THR B 25 -43.78 -20.55 -19.39
N VAL B 26 -43.58 -19.24 -19.59
CA VAL B 26 -42.26 -18.68 -19.75
C VAL B 26 -42.00 -17.67 -18.68
N ASN B 27 -40.75 -17.44 -18.38
CA ASN B 27 -40.37 -16.47 -17.38
C ASN B 27 -38.93 -16.09 -17.62
N PRO B 28 -38.55 -14.87 -17.18
CA PRO B 28 -37.13 -14.64 -17.05
C PRO B 28 -36.58 -15.55 -15.94
N TRP B 29 -35.26 -15.65 -15.86
CA TRP B 29 -34.60 -16.55 -14.95
C TRP B 29 -34.95 -16.33 -13.45
N ASN B 30 -34.93 -15.08 -13.00
CA ASN B 30 -35.19 -14.80 -11.62
C ASN B 30 -36.62 -15.24 -11.19
N ASN B 31 -37.61 -15.03 -12.04
CA ASN B 31 -38.93 -15.53 -11.80
C ASN B 31 -39.05 -17.04 -11.87
N SER B 32 -38.22 -17.68 -12.70
CA SER B 32 -38.14 -19.12 -12.73
C SER B 32 -37.62 -19.72 -11.39
N LEU B 33 -36.56 -19.12 -10.84
CA LEU B 33 -36.06 -19.44 -9.52
C LEU B 33 -37.16 -19.27 -8.47
N ALA B 34 -37.85 -18.14 -8.50
CA ALA B 34 -38.98 -17.93 -7.57
C ALA B 34 -40.07 -18.99 -7.65
N ASP B 35 -40.37 -19.40 -8.87
CA ASP B 35 -41.33 -20.44 -9.12
C ASP B 35 -40.90 -21.77 -8.51
N CYS B 36 -39.65 -22.15 -8.77
CA CYS B 36 -39.19 -23.39 -8.17
C CYS B 36 -39.27 -23.35 -6.64
N SER B 37 -38.79 -22.26 -6.05
CA SER B 37 -38.86 -22.11 -4.61
C SER B 37 -40.31 -22.23 -4.09
N THR B 38 -41.24 -21.57 -4.76
CA THR B 38 -42.63 -21.67 -4.42
C THR B 38 -43.17 -23.10 -4.43
N LYS B 39 -42.70 -23.91 -5.36
CA LYS B 39 -43.04 -25.29 -5.48
C LYS B 39 -42.12 -26.19 -4.65
N GLU B 40 -41.37 -25.59 -3.70
CA GLU B 40 -40.51 -26.32 -2.77
C GLU B 40 -39.53 -27.20 -3.53
N SER B 41 -38.83 -26.56 -4.43
CA SER B 41 -37.95 -27.25 -5.34
C SER B 41 -36.81 -26.29 -5.75
N SER B 42 -35.83 -26.88 -6.41
CA SER B 42 -34.71 -26.19 -6.99
C SER B 42 -34.82 -26.02 -8.53
N LEU B 43 -34.31 -24.93 -9.08
CA LEU B 43 -34.04 -24.93 -10.48
C LEU B 43 -33.04 -26.12 -10.73
N LEU B 44 -33.13 -26.73 -11.90
CA LEU B 44 -32.29 -27.89 -12.24
C LEU B 44 -30.79 -27.66 -12.04
N LEU B 45 -30.22 -28.59 -11.32
CA LEU B 45 -28.76 -28.70 -11.13
C LEU B 45 -28.34 -29.95 -11.91
N ILE B 46 -27.35 -29.84 -12.77
CA ILE B 46 -26.91 -30.95 -13.63
C ILE B 46 -25.55 -31.41 -13.13
N ARG B 47 -25.48 -32.64 -12.65
CA ARG B 47 -24.24 -33.15 -11.99
C ARG B 47 -23.13 -33.46 -12.99
N ASP B 48 -23.50 -33.88 -14.19
CA ASP B 48 -22.55 -34.32 -15.18
C ASP B 48 -23.24 -34.50 -16.56
N LYS B 49 -22.41 -34.82 -17.54
CA LYS B 49 -22.81 -35.03 -18.93
C LYS B 49 -23.89 -36.07 -19.10
N ASP B 50 -23.76 -37.13 -18.34
CA ASP B 50 -24.72 -38.19 -18.39
C ASP B 50 -26.12 -37.74 -17.96
N GLU B 51 -26.16 -36.94 -16.92
CA GLU B 51 -27.42 -36.36 -16.47
C GLU B 51 -27.98 -35.38 -17.52
N LEU B 52 -27.09 -34.62 -18.16
CA LEU B 52 -27.54 -33.68 -19.21
C LEU B 52 -28.28 -34.46 -20.31
N ILE B 53 -27.65 -35.54 -20.76
CA ILE B 53 -28.16 -36.32 -21.88
C ILE B 53 -29.43 -37.01 -21.53
N HIS B 54 -29.51 -37.61 -20.36
CA HIS B 54 -30.80 -38.20 -19.96
C HIS B 54 -31.98 -37.27 -19.80
N THR B 55 -31.69 -36.04 -19.38
CA THR B 55 -32.73 -35.01 -19.21
C THR B 55 -33.18 -34.57 -20.61
N GLN B 56 -32.22 -34.36 -21.49
CA GLN B 56 -32.50 -34.01 -22.90
C GLN B 56 -33.37 -35.05 -23.59
N ASN B 57 -33.16 -36.32 -23.25
CA ASN B 57 -33.94 -37.41 -23.84
C ASN B 57 -35.40 -37.46 -23.42
N LEU B 58 -35.82 -36.57 -22.49
CA LEU B 58 -37.22 -36.47 -22.17
C LEU B 58 -37.92 -35.42 -23.07
N ILE B 59 -37.15 -34.56 -23.72
CA ILE B 59 -37.72 -33.42 -24.43
C ILE B 59 -37.96 -33.84 -25.91
N ARG B 60 -39.18 -33.64 -26.38
CA ARG B 60 -39.56 -33.95 -27.78
C ARG B 60 -39.30 -32.75 -28.71
N ASP B 61 -39.78 -31.58 -28.34
CA ASP B 61 -39.62 -30.42 -29.16
C ASP B 61 -38.21 -29.85 -29.08
N LYS B 62 -37.46 -30.04 -30.16
CA LYS B 62 -36.06 -29.62 -30.29
C LYS B 62 -35.76 -28.12 -30.27
N ALA B 63 -36.79 -27.30 -30.34
CA ALA B 63 -36.62 -25.86 -30.45
C ALA B 63 -36.82 -25.11 -29.12
N ILE B 64 -37.27 -25.78 -28.09
CA ILE B 64 -37.68 -25.15 -26.84
C ILE B 64 -36.47 -25.09 -25.92
N LEU B 65 -36.29 -23.95 -25.27
CA LEU B 65 -35.21 -23.71 -24.28
C LEU B 65 -35.76 -23.75 -22.85
N PHE B 66 -34.97 -24.29 -21.92
CA PHE B 66 -35.37 -24.33 -20.52
C PHE B 66 -34.28 -23.79 -19.67
N TRP B 67 -34.59 -22.83 -18.81
CA TRP B 67 -33.64 -22.39 -17.80
C TRP B 67 -33.29 -23.54 -16.83
N ILE B 68 -32.03 -23.56 -16.46
CA ILE B 68 -31.46 -24.40 -15.38
C ILE B 68 -30.86 -23.49 -14.28
N GLY B 69 -30.38 -24.07 -13.20
CA GLY B 69 -30.02 -23.30 -12.03
C GLY B 69 -28.59 -22.79 -12.03
N LEU B 70 -28.18 -22.19 -13.13
CA LEU B 70 -26.85 -21.72 -13.33
C LEU B 70 -26.91 -20.34 -13.94
N ASN B 71 -26.19 -19.39 -13.36
CA ASN B 71 -26.11 -18.09 -13.96
C ASN B 71 -24.73 -17.47 -13.79
N PHE B 72 -24.51 -16.33 -14.45
CA PHE B 72 -23.18 -15.73 -14.44
C PHE B 72 -23.04 -14.84 -13.25
N SER B 73 -22.03 -15.05 -12.45
CA SER B 73 -21.74 -14.09 -11.36
C SER B 73 -20.72 -13.08 -11.85
N LEU B 74 -21.13 -11.82 -11.96
CA LEU B 74 -20.26 -10.78 -12.56
C LEU B 74 -19.05 -10.49 -11.71
N SER B 75 -19.25 -10.35 -10.39
CA SER B 75 -18.10 -10.08 -9.50
C SER B 75 -17.04 -11.19 -9.55
N GLU B 76 -17.45 -12.45 -9.73
CA GLU B 76 -16.49 -13.58 -9.77
C GLU B 76 -16.13 -14.00 -11.18
N LYS B 77 -16.71 -13.34 -12.17
CA LYS B 77 -16.63 -13.70 -13.60
C LYS B 77 -16.62 -15.20 -13.90
N ASN B 78 -17.61 -15.94 -13.38
CA ASN B 78 -17.83 -17.32 -13.85
C ASN B 78 -19.26 -17.76 -13.57
N TRP B 79 -19.63 -18.87 -14.16
CA TRP B 79 -20.88 -19.55 -13.93
C TRP B 79 -20.97 -20.16 -12.51
N LYS B 80 -22.06 -19.91 -11.79
CA LYS B 80 -22.32 -20.43 -10.46
C LYS B 80 -23.72 -20.99 -10.36
N TRP B 81 -23.85 -22.15 -9.71
CA TRP B 81 -25.12 -22.84 -9.51
C TRP B 81 -25.84 -22.17 -8.37
N ILE B 82 -27.14 -22.35 -8.26
CA ILE B 82 -27.84 -21.74 -7.14
C ILE B 82 -27.53 -22.33 -5.79
N ASN B 83 -26.88 -23.51 -5.74
CA ASN B 83 -26.37 -24.09 -4.50
C ASN B 83 -25.07 -23.40 -4.00
N GLY B 84 -24.62 -22.39 -4.75
CA GLY B 84 -23.55 -21.49 -4.40
C GLY B 84 -22.20 -21.92 -4.97
N SER B 85 -22.15 -23.06 -5.70
CA SER B 85 -20.86 -23.61 -6.22
C SER B 85 -20.58 -23.11 -7.63
N PHE B 86 -19.31 -22.83 -7.91
CA PHE B 86 -18.90 -22.62 -9.28
C PHE B 86 -19.15 -23.85 -10.14
N LEU B 87 -19.43 -23.61 -11.40
CA LEU B 87 -19.39 -24.69 -12.38
C LEU B 87 -17.97 -25.32 -12.31
N ASN B 88 -17.89 -26.64 -12.18
CA ASN B 88 -16.63 -27.26 -11.89
C ASN B 88 -16.06 -28.14 -13.03
N SER B 89 -16.73 -28.18 -14.19
CA SER B 89 -16.28 -28.92 -15.39
C SER B 89 -16.89 -28.33 -16.64
N ASN B 90 -16.46 -28.88 -17.78
CA ASN B 90 -16.98 -28.50 -19.09
C ASN B 90 -18.01 -29.50 -19.61
N ASP B 91 -18.58 -30.29 -18.72
CA ASP B 91 -19.56 -31.29 -19.16
C ASP B 91 -20.78 -30.72 -19.89
N LEU B 92 -21.06 -29.40 -19.73
CA LEU B 92 -22.21 -28.84 -20.37
C LEU B 92 -21.87 -28.24 -21.72
N GLU B 93 -20.60 -28.06 -22.01
CA GLU B 93 -20.15 -27.43 -23.27
C GLU B 93 -20.95 -26.17 -23.63
N ILE B 94 -21.00 -25.22 -22.69
CA ILE B 94 -21.85 -24.07 -22.83
C ILE B 94 -21.54 -23.35 -24.16
N ARG B 95 -22.59 -22.98 -24.88
CA ARG B 95 -22.46 -22.24 -26.14
C ARG B 95 -22.81 -20.81 -25.86
N GLY B 96 -21.92 -19.87 -26.22
CA GLY B 96 -22.17 -18.44 -26.11
C GLY B 96 -21.31 -17.75 -25.08
N ASP B 97 -21.64 -16.49 -24.81
CA ASP B 97 -20.78 -15.60 -24.01
C ASP B 97 -21.03 -15.68 -22.51
N ALA B 98 -19.94 -15.60 -21.79
CA ALA B 98 -19.92 -15.59 -20.35
C ALA B 98 -19.77 -14.16 -19.97
N LYS B 99 -20.89 -13.49 -19.75
CA LYS B 99 -20.88 -12.06 -19.46
C LYS B 99 -22.05 -11.65 -18.61
N GLU B 100 -21.98 -10.43 -18.13
CA GLU B 100 -22.99 -9.89 -17.24
C GLU B 100 -24.43 -10.23 -17.69
N ASN B 101 -25.32 -10.43 -16.72
CA ASN B 101 -26.74 -10.78 -16.94
C ASN B 101 -27.03 -11.92 -17.89
N SER B 102 -26.13 -12.92 -17.92
CA SER B 102 -26.31 -14.17 -18.66
C SER B 102 -26.64 -15.30 -17.68
N CYS B 103 -27.43 -16.23 -18.19
CA CYS B 103 -28.04 -17.38 -17.49
C CYS B 103 -28.01 -18.58 -18.45
N ILE B 104 -28.07 -19.82 -17.93
CA ILE B 104 -27.93 -20.99 -18.77
C ILE B 104 -29.26 -21.66 -19.08
N SER B 105 -29.43 -22.09 -20.33
CA SER B 105 -30.63 -22.74 -20.75
C SER B 105 -30.19 -24.00 -21.46
N ILE B 106 -31.08 -24.95 -21.52
CA ILE B 106 -30.85 -26.16 -22.27
C ILE B 106 -31.99 -26.43 -23.23
N SER B 107 -31.65 -27.10 -24.35
CA SER B 107 -32.64 -27.61 -25.30
C SER B 107 -32.35 -29.09 -25.38
N GLN B 108 -33.09 -29.78 -26.20
CA GLN B 108 -32.80 -31.19 -26.49
C GLN B 108 -31.40 -31.51 -26.98
N THR B 109 -30.79 -30.60 -27.71
CA THR B 109 -29.48 -30.83 -28.30
C THR B 109 -28.40 -29.94 -27.73
N SER B 110 -28.72 -28.85 -27.01
CA SER B 110 -27.65 -27.89 -26.70
C SER B 110 -27.74 -27.32 -25.33
N VAL B 111 -26.69 -26.60 -24.94
CA VAL B 111 -26.71 -25.76 -23.74
C VAL B 111 -26.25 -24.35 -24.15
N TYR B 112 -27.06 -23.32 -23.89
CA TYR B 112 -26.83 -21.96 -24.35
C TYR B 112 -26.79 -20.96 -23.24
N SER B 113 -25.83 -20.04 -23.30
CA SER B 113 -25.88 -18.78 -22.58
C SER B 113 -26.94 -17.84 -23.18
N GLU B 114 -27.80 -17.24 -22.34
CA GLU B 114 -28.90 -16.39 -22.81
C GLU B 114 -28.98 -15.29 -21.81
N TYR B 115 -29.48 -14.13 -22.22
CA TYR B 115 -29.69 -13.06 -21.27
C TYR B 115 -30.78 -13.50 -20.33
N CYS B 116 -30.56 -13.20 -19.06
CA CYS B 116 -31.44 -13.62 -17.96
C CYS B 116 -32.87 -13.03 -18.04
N SER B 117 -33.01 -11.89 -18.71
CA SER B 117 -34.31 -11.28 -19.00
C SER B 117 -35.11 -12.00 -20.09
N THR B 118 -34.48 -12.86 -20.84
CA THR B 118 -35.24 -13.65 -21.82
C THR B 118 -36.30 -14.58 -21.20
N GLU B 119 -37.47 -14.62 -21.85
CA GLU B 119 -38.62 -15.34 -21.33
C GLU B 119 -38.70 -16.74 -21.97
N ILE B 120 -38.26 -17.76 -21.24
CA ILE B 120 -38.32 -19.13 -21.73
C ILE B 120 -38.89 -20.01 -20.58
N ARG B 121 -39.10 -21.26 -20.87
CA ARG B 121 -39.55 -22.24 -19.90
C ARG B 121 -38.41 -22.54 -18.93
N TRP B 122 -38.70 -23.36 -17.93
CA TRP B 122 -37.70 -23.70 -16.90
C TRP B 122 -37.97 -25.08 -16.35
N ILE B 123 -36.97 -25.64 -15.69
CA ILE B 123 -37.04 -26.99 -15.14
C ILE B 123 -36.78 -26.91 -13.63
N CYS B 124 -37.71 -27.42 -12.85
CA CYS B 124 -37.50 -27.55 -11.39
C CYS B 124 -37.18 -29.03 -11.06
N GLN B 125 -36.42 -29.25 -9.96
CA GLN B 125 -36.10 -30.58 -9.46
C GLN B 125 -36.45 -30.74 -7.98
N LYS B 126 -36.86 -31.96 -7.65
CA LYS B 126 -36.86 -32.49 -6.25
C LYS B 126 -36.02 -33.74 -6.21
N GLU B 127 -35.07 -33.81 -5.30
CA GLU B 127 -34.18 -34.96 -5.17
C GLU B 127 -34.78 -36.14 -4.36
N LEU B 128 -34.82 -37.34 -4.95
CA LEU B 128 -35.26 -38.50 -4.23
C LEU B 128 -34.06 -39.02 -3.38
N THR B 129 -32.82 -38.82 -3.85
CA THR B 129 -31.56 -39.30 -3.21
C THR B 129 -30.49 -38.23 -3.37
N PRO B 130 -30.55 -37.21 -2.49
CA PRO B 130 -29.59 -36.10 -2.56
C PRO B 130 -28.15 -36.57 -2.24
N VAL B 131 -27.12 -35.84 -2.71
CA VAL B 131 -25.69 -36.16 -2.34
C VAL B 131 -25.46 -36.01 -0.84
N LEU C 5 34.56 29.32 -26.63
CA LEU C 5 34.77 28.66 -27.98
C LEU C 5 34.28 29.58 -29.13
N LEU C 6 35.20 29.99 -30.00
CA LEU C 6 34.95 31.03 -31.04
C LEU C 6 34.26 30.39 -32.22
N ASN C 7 34.83 29.27 -32.70
CA ASN C 7 34.24 28.44 -33.78
C ASN C 7 34.11 26.97 -33.38
N CYS C 8 33.30 26.22 -34.14
CA CYS C 8 33.20 24.80 -33.93
C CYS C 8 34.56 24.14 -34.20
N PRO C 9 34.93 23.15 -33.39
CA PRO C 9 36.09 22.36 -33.72
C PRO C 9 35.85 21.60 -35.00
N ILE C 10 36.95 21.22 -35.63
CA ILE C 10 36.96 20.38 -36.81
C ILE C 10 36.12 19.13 -36.59
N TYR C 11 35.26 18.87 -37.57
CA TYR C 11 34.35 17.70 -37.63
C TYR C 11 33.02 17.90 -36.86
N TRP C 12 32.89 18.99 -36.10
CA TRP C 12 31.65 19.25 -35.39
C TRP C 12 30.75 20.07 -36.34
N GLN C 13 29.45 19.89 -36.24
CA GLN C 13 28.55 20.66 -37.05
C GLN C 13 27.95 21.82 -36.24
N GLN C 14 27.95 23.03 -36.78
CA GLN C 14 27.34 24.15 -36.12
C GLN C 14 25.84 24.07 -36.38
N LEU C 15 25.04 24.25 -35.34
CA LEU C 15 23.65 24.51 -35.48
C LEU C 15 23.23 25.62 -34.53
N ARG C 16 22.92 26.79 -35.09
CA ARG C 16 22.60 28.00 -34.31
C ARG C 16 23.82 28.31 -33.42
N GLU C 17 23.68 28.28 -32.11
CA GLU C 17 24.77 28.63 -31.20
C GLU C 17 25.48 27.43 -30.59
N LYS C 18 25.35 26.25 -31.19
CA LYS C 18 25.95 24.99 -30.68
C LYS C 18 26.80 24.37 -31.73
N CYS C 19 27.67 23.47 -31.28
CA CYS C 19 28.46 22.63 -32.12
C CYS C 19 28.06 21.24 -31.70
N LEU C 20 27.81 20.39 -32.70
CA LEU C 20 27.31 19.02 -32.48
C LEU C 20 28.25 17.98 -33.07
N LEU C 21 28.42 16.87 -32.36
CA LEU C 21 29.26 15.77 -32.81
C LEU C 21 28.39 14.49 -32.79
N PHE C 22 28.17 13.92 -33.97
CA PHE C 22 27.35 12.68 -34.16
C PHE C 22 28.29 11.48 -34.14
N SER C 23 28.15 10.55 -33.20
CA SER C 23 29.16 9.53 -33.07
C SER C 23 29.03 8.58 -34.30
N HIS C 24 30.08 7.86 -34.61
CA HIS C 24 30.07 6.79 -35.67
C HIS C 24 30.06 5.39 -35.06
N THR C 25 30.14 5.26 -33.73
CA THR C 25 30.13 3.97 -33.10
C THR C 25 29.05 4.01 -32.07
N VAL C 26 28.82 2.86 -31.41
CA VAL C 26 27.67 2.72 -30.48
C VAL C 26 28.10 2.52 -29.03
N ASN C 27 27.21 2.79 -28.13
CA ASN C 27 27.49 2.65 -26.73
C ASN C 27 26.20 2.63 -25.95
N PRO C 28 26.23 2.05 -24.75
CA PRO C 28 25.20 2.34 -23.77
C PRO C 28 25.24 3.83 -23.31
N TRP C 29 24.15 4.30 -22.75
CA TRP C 29 23.96 5.70 -22.43
C TRP C 29 25.06 6.20 -21.47
N ASN C 30 25.43 5.41 -20.45
CA ASN C 30 26.42 5.88 -19.45
C ASN C 30 27.78 6.05 -20.07
N ASN C 31 28.15 5.13 -20.97
CA ASN C 31 29.38 5.31 -21.74
C ASN C 31 29.35 6.48 -22.71
N SER C 32 28.18 6.77 -23.23
CA SER C 32 28.00 7.92 -24.14
C SER C 32 28.21 9.22 -23.33
N LEU C 33 27.69 9.27 -22.12
CA LEU C 33 27.85 10.47 -21.25
C LEU C 33 29.37 10.60 -20.96
N ALA C 34 30.01 9.49 -20.62
CA ALA C 34 31.49 9.52 -20.36
C ALA C 34 32.32 9.96 -21.60
N ASP C 35 31.90 9.49 -22.77
CA ASP C 35 32.55 9.97 -24.00
C ASP C 35 32.42 11.50 -24.15
N CYS C 36 31.21 12.07 -23.98
CA CYS C 36 31.03 13.50 -24.15
C CYS C 36 31.88 14.26 -23.10
N SER C 37 31.82 13.84 -21.86
CA SER C 37 32.63 14.40 -20.80
C SER C 37 34.12 14.32 -21.14
N THR C 38 34.58 13.20 -21.69
CA THR C 38 35.99 13.02 -22.11
C THR C 38 36.34 13.97 -23.20
N LYS C 39 35.38 14.27 -24.10
CA LYS C 39 35.58 15.35 -25.12
C LYS C 39 35.26 16.78 -24.60
N GLU C 40 35.09 16.96 -23.30
CA GLU C 40 34.81 18.30 -22.69
C GLU C 40 33.56 18.92 -23.30
N SER C 41 32.51 18.14 -23.20
CA SER C 41 31.26 18.47 -23.88
C SER C 41 30.08 17.82 -23.12
N SER C 42 28.86 18.20 -23.49
CA SER C 42 27.65 17.67 -22.90
C SER C 42 27.00 16.70 -23.89
N LEU C 43 26.32 15.67 -23.38
CA LEU C 43 25.25 15.03 -24.17
C LEU C 43 24.26 16.09 -24.65
N LEU C 44 23.72 15.91 -25.85
CA LEU C 44 22.79 16.90 -26.38
C LEU C 44 21.65 17.29 -25.43
N LEU C 45 21.44 18.59 -25.33
CA LEU C 45 20.31 19.17 -24.63
C LEU C 45 19.41 19.87 -25.67
N ILE C 46 18.09 19.74 -25.53
CA ILE C 46 17.17 20.22 -26.55
C ILE C 46 16.24 21.17 -25.86
N ARG C 47 16.29 22.45 -26.24
CA ARG C 47 15.62 23.50 -25.50
C ARG C 47 14.10 23.56 -25.88
N ASP C 48 13.79 23.22 -27.13
CA ASP C 48 12.45 23.44 -27.64
C ASP C 48 12.22 22.69 -28.91
N LYS C 49 10.98 22.72 -29.35
CA LYS C 49 10.59 21.95 -30.53
C LYS C 49 11.34 22.40 -31.73
N ASP C 50 11.52 23.71 -31.89
CA ASP C 50 12.22 24.18 -33.07
C ASP C 50 13.65 23.64 -33.09
N GLU C 51 14.29 23.58 -31.91
CA GLU C 51 15.65 23.04 -31.86
C GLU C 51 15.65 21.55 -32.26
N LEU C 52 14.71 20.80 -31.77
CA LEU C 52 14.60 19.39 -32.13
C LEU C 52 14.47 19.21 -33.66
N ILE C 53 13.59 20.01 -34.27
CA ILE C 53 13.29 19.87 -35.72
C ILE C 53 14.56 20.11 -36.48
N HIS C 54 15.29 21.19 -36.13
CA HIS C 54 16.48 21.55 -36.91
C HIS C 54 17.67 20.61 -36.65
N THR C 55 17.71 20.02 -35.47
CA THR C 55 18.74 19.02 -35.16
C THR C 55 18.45 17.74 -35.97
N GLN C 56 17.19 17.33 -36.04
CA GLN C 56 16.76 16.20 -36.87
C GLN C 56 17.11 16.41 -38.34
N ASN C 57 16.95 17.64 -38.84
CA ASN C 57 17.29 17.93 -40.24
C ASN C 57 18.73 17.73 -40.59
N LEU C 58 19.63 17.68 -39.61
CA LEU C 58 21.00 17.37 -39.91
C LEU C 58 21.25 15.88 -40.17
N ILE C 59 20.34 14.99 -39.75
CA ILE C 59 20.51 13.53 -39.89
C ILE C 59 20.05 13.05 -41.28
N ARG C 60 20.94 12.50 -42.11
CA ARG C 60 20.53 12.02 -43.44
C ARG C 60 19.88 10.62 -43.32
N ASP C 61 20.39 9.80 -42.42
CA ASP C 61 19.95 8.40 -42.34
C ASP C 61 18.83 8.28 -41.35
N LYS C 62 17.63 8.02 -41.87
CA LYS C 62 16.41 8.00 -41.06
C LYS C 62 16.31 6.86 -40.06
N ALA C 63 17.09 5.82 -40.23
CA ALA C 63 16.88 4.66 -39.37
C ALA C 63 17.64 4.78 -38.04
N ILE C 64 18.67 5.64 -37.97
CA ILE C 64 19.61 5.60 -36.87
C ILE C 64 19.11 6.35 -35.62
N LEU C 65 19.25 5.74 -34.43
CA LEU C 65 18.90 6.39 -33.12
C LEU C 65 20.20 6.94 -32.44
N PHE C 66 20.05 8.05 -31.73
CA PHE C 66 21.13 8.76 -31.04
C PHE C 66 20.69 9.07 -29.66
N TRP C 67 21.48 8.67 -28.68
CA TRP C 67 21.25 9.08 -27.31
C TRP C 67 21.39 10.59 -27.13
N ILE C 68 20.55 11.17 -26.29
CA ILE C 68 20.66 12.58 -25.84
C ILE C 68 20.73 12.67 -24.30
N GLY C 69 20.91 13.88 -23.76
CA GLY C 69 21.20 14.06 -22.34
C GLY C 69 19.99 14.09 -21.48
N LEU C 70 19.14 13.08 -21.63
CA LEU C 70 17.87 13.02 -20.98
C LEU C 70 17.60 11.57 -20.56
N ASN C 71 17.35 11.36 -19.29
CA ASN C 71 17.00 10.04 -18.80
C ASN C 71 15.98 10.11 -17.66
N PHE C 72 15.52 8.97 -17.20
CA PHE C 72 14.33 8.94 -16.33
C PHE C 72 14.86 8.94 -14.91
N SER C 73 14.37 9.88 -14.12
CA SER C 73 14.70 9.91 -12.69
C SER C 73 13.61 9.15 -11.93
N LEU C 74 13.96 7.96 -11.46
CA LEU C 74 13.03 7.13 -10.70
C LEU C 74 12.43 7.85 -9.49
N SER C 75 13.27 8.50 -8.71
CA SER C 75 12.80 9.21 -7.52
C SER C 75 11.74 10.29 -7.82
N GLU C 76 11.81 10.94 -8.97
CA GLU C 76 10.89 12.02 -9.31
C GLU C 76 9.82 11.57 -10.26
N LYS C 77 9.92 10.33 -10.74
CA LYS C 77 9.06 9.81 -11.77
C LYS C 77 8.92 10.77 -12.96
N ASN C 78 10.04 11.33 -13.44
CA ASN C 78 10.00 12.21 -14.61
C ASN C 78 11.39 12.25 -15.27
N TRP C 79 11.37 12.63 -16.54
CA TRP C 79 12.56 12.78 -17.35
C TRP C 79 13.36 13.97 -16.79
N LYS C 80 14.66 13.78 -16.65
CA LYS C 80 15.56 14.79 -16.22
C LYS C 80 16.76 14.94 -17.15
N TRP C 81 17.07 16.19 -17.52
CA TRP C 81 18.20 16.51 -18.30
C TRP C 81 19.45 16.38 -17.43
N ILE C 82 20.58 16.09 -18.09
CA ILE C 82 21.83 15.92 -17.33
C ILE C 82 22.33 17.20 -16.63
N ASN C 83 21.81 18.35 -17.07
CA ASN C 83 22.04 19.65 -16.41
C ASN C 83 21.24 19.92 -15.12
N GLY C 84 20.44 18.96 -14.63
CA GLY C 84 19.65 19.14 -13.40
C GLY C 84 18.16 19.45 -13.60
N SER C 85 17.76 20.07 -14.70
CA SER C 85 16.37 20.43 -14.90
C SER C 85 15.52 19.23 -15.37
N PHE C 86 14.31 19.15 -14.82
CA PHE C 86 13.30 18.18 -15.27
C PHE C 86 12.67 18.62 -16.55
N LEU C 87 12.31 17.63 -17.36
CA LEU C 87 11.63 17.87 -18.59
C LEU C 87 10.25 18.41 -18.19
N ASN C 88 10.00 19.63 -18.63
CA ASN C 88 8.83 20.40 -18.24
C ASN C 88 7.98 20.79 -19.48
N SER C 89 7.97 19.93 -20.50
CA SER C 89 7.31 20.25 -21.79
C SER C 89 6.97 18.98 -22.46
N ASN C 90 5.99 19.10 -23.35
CA ASN C 90 5.61 18.03 -24.23
C ASN C 90 6.28 18.12 -25.59
N ASP C 91 7.21 19.05 -25.71
CA ASP C 91 7.81 19.30 -26.99
C ASP C 91 8.42 18.04 -27.66
N LEU C 92 8.95 17.09 -26.88
CA LEU C 92 9.64 15.97 -27.48
C LEU C 92 8.72 14.81 -27.89
N GLU C 93 7.50 14.77 -27.36
CA GLU C 93 6.51 13.73 -27.71
C GLU C 93 7.13 12.32 -27.64
N ILE C 94 7.64 11.99 -26.47
CA ILE C 94 8.45 10.78 -26.28
C ILE C 94 7.63 9.53 -26.52
N ARG C 95 8.16 8.57 -27.28
CA ARG C 95 7.45 7.30 -27.53
C ARG C 95 8.03 6.28 -26.62
N GLY C 96 7.17 5.51 -25.95
CA GLY C 96 7.59 4.39 -25.13
C GLY C 96 7.53 4.68 -23.66
N ASP C 97 8.03 3.78 -22.84
CA ASP C 97 7.74 3.78 -21.39
C ASP C 97 8.66 4.67 -20.59
N ALA C 98 8.07 5.34 -19.62
CA ALA C 98 8.77 6.15 -18.67
C ALA C 98 8.99 5.31 -17.44
N LYS C 99 10.13 4.62 -17.38
CA LYS C 99 10.44 3.76 -16.22
C LYS C 99 11.93 3.74 -15.88
N GLU C 100 12.27 3.11 -14.76
CA GLU C 100 13.63 3.04 -14.29
C GLU C 100 14.47 2.47 -15.40
N ASN C 101 15.69 2.99 -15.52
CA ASN C 101 16.65 2.58 -16.50
C ASN C 101 16.29 2.82 -17.98
N SER C 102 15.45 3.83 -18.21
CA SER C 102 15.11 4.33 -19.53
C SER C 102 15.85 5.63 -19.78
N CYS C 103 16.26 5.80 -21.03
CA CYS C 103 17.01 6.97 -21.51
C CYS C 103 16.37 7.41 -22.84
N ILE C 104 16.63 8.65 -23.24
CA ILE C 104 16.03 9.18 -24.46
C ILE C 104 16.98 9.22 -25.64
N SER C 105 16.49 8.76 -26.78
CA SER C 105 17.18 8.78 -28.02
C SER C 105 16.29 9.51 -29.04
N ILE C 106 16.93 10.07 -30.04
CA ILE C 106 16.25 10.68 -31.17
C ILE C 106 16.66 10.05 -32.51
N SER C 107 15.76 10.13 -33.50
CA SER C 107 16.11 9.83 -34.87
C SER C 107 15.68 11.02 -35.67
N GLN C 108 15.94 10.98 -36.97
CA GLN C 108 15.40 12.03 -37.86
C GLN C 108 13.90 12.30 -37.70
N THR C 109 13.11 11.26 -37.37
CA THR C 109 11.70 11.43 -37.27
C THR C 109 11.11 11.40 -35.90
N SER C 110 11.77 10.76 -34.95
CA SER C 110 11.11 10.39 -33.73
C SER C 110 11.98 10.62 -32.48
N VAL C 111 11.36 10.52 -31.29
CA VAL C 111 12.04 10.52 -30.04
C VAL C 111 11.58 9.28 -29.27
N TYR C 112 12.50 8.41 -28.89
CA TYR C 112 12.13 7.17 -28.16
C TYR C 112 12.78 7.00 -26.84
N SER C 113 12.02 6.45 -25.91
CA SER C 113 12.58 5.88 -24.70
C SER C 113 13.10 4.50 -25.02
N GLU C 114 14.37 4.23 -24.64
CA GLU C 114 14.95 2.92 -24.74
C GLU C 114 15.65 2.61 -23.45
N TYR C 115 15.86 1.31 -23.16
CA TYR C 115 16.71 0.90 -22.06
C TYR C 115 18.10 1.47 -22.20
N CYS C 116 18.62 1.98 -21.08
CA CYS C 116 19.89 2.71 -21.05
C CYS C 116 21.05 1.82 -21.46
N SER C 117 20.93 0.51 -21.26
CA SER C 117 21.94 -0.47 -21.72
C SER C 117 21.94 -0.76 -23.21
N THR C 118 20.96 -0.26 -23.96
CA THR C 118 20.91 -0.37 -25.41
C THR C 118 22.15 0.30 -26.01
N GLU C 119 22.76 -0.32 -26.99
CA GLU C 119 23.90 0.27 -27.60
C GLU C 119 23.53 0.94 -28.91
N ILE C 120 23.54 2.27 -28.89
CA ILE C 120 23.33 3.07 -30.09
C ILE C 120 24.35 4.25 -30.09
N ARG C 121 24.29 5.03 -31.15
CA ARG C 121 25.11 6.18 -31.31
C ARG C 121 24.67 7.28 -30.33
N TRP C 122 25.43 8.36 -30.25
CA TRP C 122 25.08 9.47 -29.34
C TRP C 122 25.51 10.81 -29.92
N ILE C 123 24.94 11.90 -29.38
CA ILE C 123 25.25 13.24 -29.84
C ILE C 123 25.83 14.06 -28.68
N CYS C 124 27.01 14.65 -28.90
CA CYS C 124 27.62 15.59 -27.94
C CYS C 124 27.44 17.00 -28.45
N GLN C 125 27.44 17.96 -27.52
CA GLN C 125 27.37 19.37 -27.86
C GLN C 125 28.39 20.23 -27.10
N LYS C 126 28.78 21.33 -27.74
CA LYS C 126 29.57 22.40 -27.14
C LYS C 126 28.90 23.69 -27.51
N GLU C 127 28.76 24.59 -26.54
CA GLU C 127 28.19 25.91 -26.80
C GLU C 127 29.20 26.87 -27.40
N LEU C 128 28.80 27.60 -28.43
CA LEU C 128 29.60 28.71 -28.95
C LEU C 128 29.51 29.89 -28.02
N THR C 129 30.60 30.61 -27.80
CA THR C 129 30.46 31.97 -27.18
C THR C 129 29.71 32.93 -28.15
N PRO C 130 28.69 33.68 -27.67
CA PRO C 130 27.79 34.47 -28.56
C PRO C 130 28.46 35.68 -29.24
N GLY D 4 40.06 35.51 -21.93
CA GLY D 4 40.24 36.09 -20.57
C GLY D 4 41.70 36.38 -20.20
N LEU D 5 41.85 36.92 -19.00
CA LEU D 5 43.12 37.36 -18.47
C LEU D 5 44.10 36.20 -18.20
N LEU D 6 43.61 35.21 -17.46
CA LEU D 6 44.34 33.98 -17.14
C LEU D 6 43.94 32.81 -18.05
N ASN D 7 44.65 31.70 -17.94
CA ASN D 7 44.41 30.52 -18.80
C ASN D 7 43.14 29.82 -18.45
N CYS D 8 42.73 29.91 -17.19
CA CYS D 8 41.58 29.19 -16.75
C CYS D 8 40.42 30.11 -16.54
N PRO D 9 39.19 29.62 -16.73
CA PRO D 9 38.09 30.47 -16.34
C PRO D 9 38.01 30.82 -14.84
N ILE D 10 37.16 31.80 -14.53
CA ILE D 10 36.91 32.20 -13.17
C ILE D 10 36.35 31.02 -12.36
N TYR D 11 36.80 30.91 -11.11
CA TYR D 11 36.54 29.81 -10.19
C TYR D 11 37.34 28.52 -10.39
N TRP D 12 37.96 28.35 -11.56
CA TRP D 12 38.85 27.22 -11.85
C TRP D 12 40.26 27.57 -11.44
N GLN D 13 40.97 26.54 -10.99
CA GLN D 13 42.39 26.64 -10.67
C GLN D 13 43.29 25.94 -11.74
N GLN D 14 44.36 26.59 -12.16
CA GLN D 14 45.33 25.97 -13.06
C GLN D 14 46.30 25.14 -12.25
N LEU D 15 46.58 23.97 -12.79
CA LEU D 15 47.61 23.14 -12.31
C LEU D 15 48.24 22.47 -13.51
N ARG D 16 49.49 22.87 -13.74
CA ARG D 16 50.27 22.40 -14.88
C ARG D 16 49.42 22.76 -16.14
N GLU D 17 48.97 21.80 -16.94
CA GLU D 17 48.24 22.16 -18.18
C GLU D 17 46.76 21.70 -18.10
N LYS D 18 46.20 21.78 -16.87
CA LYS D 18 44.76 21.61 -16.59
C LYS D 18 44.20 22.78 -15.84
N CYS D 19 42.90 23.00 -16.04
CA CYS D 19 42.08 23.85 -15.20
C CYS D 19 41.24 22.90 -14.41
N LEU D 20 41.21 23.07 -13.07
CA LEU D 20 40.43 22.23 -12.16
C LEU D 20 39.31 23.00 -11.49
N LEU D 21 38.17 22.34 -11.26
CA LEU D 21 37.06 22.89 -10.54
C LEU D 21 36.68 21.90 -9.42
N PHE D 22 36.85 22.31 -8.17
CA PHE D 22 36.53 21.49 -6.99
C PHE D 22 35.09 21.92 -6.61
N SER D 23 34.14 20.99 -6.50
CA SER D 23 32.76 21.38 -6.26
C SER D 23 32.55 21.79 -4.81
N HIS D 24 31.54 22.62 -4.60
CA HIS D 24 31.10 23.05 -3.26
C HIS D 24 29.93 22.27 -2.71
N THR D 25 29.25 21.45 -3.54
CA THR D 25 28.15 20.60 -3.15
C THR D 25 28.52 19.19 -3.38
N VAL D 26 27.63 18.28 -3.02
CA VAL D 26 27.85 16.84 -3.07
C VAL D 26 26.89 16.16 -4.01
N ASN D 27 27.27 14.98 -4.45
CA ASN D 27 26.52 14.20 -5.40
C ASN D 27 27.07 12.80 -5.39
N PRO D 28 26.25 11.82 -5.78
CA PRO D 28 26.80 10.55 -6.24
C PRO D 28 27.65 10.70 -7.48
N TRP D 29 28.41 9.65 -7.75
CA TRP D 29 29.32 9.64 -8.87
C TRP D 29 28.70 9.92 -10.27
N ASN D 30 27.56 9.31 -10.56
CA ASN D 30 26.93 9.47 -11.86
CA ASN D 30 26.86 9.44 -11.84
C ASN D 30 26.47 10.90 -12.04
N ASN D 31 25.98 11.52 -10.94
CA ASN D 31 25.55 12.88 -10.97
C ASN D 31 26.75 13.81 -11.14
N SER D 32 27.88 13.42 -10.61
CA SER D 32 29.09 14.23 -10.70
C SER D 32 29.58 14.23 -12.12
N LEU D 33 29.58 13.07 -12.77
CA LEU D 33 29.90 12.96 -14.17
C LEU D 33 28.99 13.83 -15.00
N ALA D 34 27.70 13.77 -14.72
CA ALA D 34 26.72 14.66 -15.36
C ALA D 34 26.97 16.14 -15.15
N ASP D 35 27.40 16.57 -13.96
CA ASP D 35 27.78 17.94 -13.74
C ASP D 35 29.04 18.36 -14.58
N CYS D 36 30.09 17.53 -14.58
CA CYS D 36 31.24 17.83 -15.39
C CYS D 36 30.85 17.97 -16.90
N SER D 37 30.09 17.01 -17.40
CA SER D 37 29.62 17.03 -18.80
C SER D 37 28.84 18.31 -19.05
N THR D 38 28.01 18.71 -18.11
CA THR D 38 27.23 19.93 -18.28
C THR D 38 28.13 21.14 -18.33
N LYS D 39 29.20 21.15 -17.52
CA LYS D 39 30.23 22.21 -17.63
C LYS D 39 31.22 22.06 -18.77
N GLU D 40 30.99 21.09 -19.68
CA GLU D 40 31.81 20.86 -20.84
C GLU D 40 33.21 20.49 -20.34
N SER D 41 33.24 19.45 -19.51
CA SER D 41 34.49 19.07 -18.86
C SER D 41 34.42 17.62 -18.48
N SER D 42 35.56 17.10 -18.08
CA SER D 42 35.68 15.71 -17.64
C SER D 42 35.79 15.61 -16.11
N LEU D 43 35.38 14.50 -15.53
CA LEU D 43 35.82 14.22 -14.16
C LEU D 43 37.32 14.11 -14.16
N LEU D 44 37.93 14.49 -13.07
CA LEU D 44 39.40 14.46 -13.00
C LEU D 44 40.01 13.08 -13.42
N LEU D 45 40.98 13.16 -14.30
CA LEU D 45 41.89 12.07 -14.68
C LEU D 45 43.29 12.34 -14.08
N ILE D 46 43.95 11.31 -13.58
CA ILE D 46 45.24 11.46 -12.90
C ILE D 46 46.24 10.53 -13.58
N ARG D 47 47.18 11.10 -14.27
CA ARG D 47 48.22 10.37 -15.01
C ARG D 47 49.14 9.52 -14.17
N ASP D 48 49.53 10.03 -13.01
CA ASP D 48 50.57 9.36 -12.22
C ASP D 48 50.62 9.97 -10.81
N LYS D 49 51.51 9.44 -10.00
CA LYS D 49 51.62 9.82 -8.62
C LYS D 49 51.98 11.28 -8.48
N ASP D 50 52.79 11.81 -9.38
CA ASP D 50 53.14 13.22 -9.38
C ASP D 50 51.91 14.12 -9.52
N GLU D 51 51.02 13.79 -10.44
CA GLU D 51 49.84 14.59 -10.66
C GLU D 51 48.95 14.47 -9.41
N LEU D 52 48.83 13.29 -8.87
CA LEU D 52 48.04 13.08 -7.66
C LEU D 52 48.53 13.97 -6.52
N ILE D 53 49.82 13.94 -6.26
CA ILE D 53 50.38 14.73 -5.13
C ILE D 53 50.16 16.20 -5.34
N HIS D 54 50.39 16.67 -6.57
CA HIS D 54 50.20 18.06 -6.83
C HIS D 54 48.75 18.53 -6.70
N THR D 55 47.82 17.67 -7.08
CA THR D 55 46.39 17.95 -6.95
C THR D 55 45.97 18.00 -5.44
N GLN D 56 46.46 17.04 -4.67
CA GLN D 56 46.19 16.96 -3.27
C GLN D 56 46.72 18.16 -2.55
N ASN D 57 47.83 18.71 -3.04
CA ASN D 57 48.46 19.96 -2.47
C ASN D 57 47.61 21.22 -2.62
N LEU D 58 46.50 21.15 -3.35
CA LEU D 58 45.57 22.27 -3.46
C LEU D 58 44.52 22.26 -2.35
N ILE D 59 44.35 21.11 -1.69
CA ILE D 59 43.25 20.87 -0.74
C ILE D 59 43.75 21.21 0.65
N ARG D 60 42.98 22.02 1.37
CA ARG D 60 43.28 22.43 2.74
C ARG D 60 42.62 21.48 3.80
N ASP D 61 41.36 21.22 3.62
CA ASP D 61 40.57 20.40 4.54
C ASP D 61 40.81 18.87 4.32
N LYS D 62 41.58 18.29 5.25
CA LYS D 62 41.85 16.83 5.38
C LYS D 62 40.61 15.88 5.33
N ALA D 63 39.46 16.35 5.77
CA ALA D 63 38.27 15.47 5.86
C ALA D 63 37.49 15.19 4.57
N ILE D 64 37.81 15.88 3.46
CA ILE D 64 36.81 16.05 2.36
C ILE D 64 37.24 15.09 1.29
N LEU D 65 36.33 14.28 0.81
CA LEU D 65 36.56 13.47 -0.35
C LEU D 65 36.00 14.11 -1.64
N PHE D 66 36.66 13.79 -2.77
CA PHE D 66 36.29 14.21 -4.10
C PHE D 66 36.31 13.07 -5.11
N TRP D 67 35.18 12.89 -5.77
CA TRP D 67 35.15 11.97 -6.89
C TRP D 67 36.11 12.37 -8.00
N ILE D 68 36.69 11.35 -8.61
CA ILE D 68 37.49 11.47 -9.78
C ILE D 68 36.92 10.54 -10.90
N GLY D 69 37.46 10.62 -12.10
CA GLY D 69 36.83 9.91 -13.25
C GLY D 69 37.24 8.45 -13.41
N LEU D 70 37.10 7.66 -12.36
CA LEU D 70 37.62 6.30 -12.31
C LEU D 70 36.61 5.45 -11.58
N ASN D 71 36.13 4.35 -12.20
CA ASN D 71 35.30 3.42 -11.46
C ASN D 71 35.53 1.95 -11.84
N PHE D 72 34.81 1.08 -11.17
CA PHE D 72 35.10 -0.36 -11.38
C PHE D 72 34.33 -0.90 -12.58
N SER D 73 35.06 -1.46 -13.54
CA SER D 73 34.46 -2.21 -14.67
C SER D 73 34.36 -3.69 -14.27
N LEU D 74 33.18 -4.11 -13.80
CA LEU D 74 32.94 -5.55 -13.51
C LEU D 74 33.29 -6.50 -14.66
N SER D 75 32.91 -6.13 -15.89
CA SER D 75 33.32 -6.86 -17.10
C SER D 75 34.81 -7.24 -17.12
N GLU D 76 35.70 -6.24 -17.11
CA GLU D 76 37.15 -6.51 -17.20
C GLU D 76 37.88 -6.71 -15.85
N LYS D 77 37.10 -6.83 -14.76
CA LYS D 77 37.58 -7.01 -13.36
C LYS D 77 38.67 -6.03 -12.94
N ASN D 78 38.40 -4.72 -13.12
CA ASN D 78 39.43 -3.69 -13.01
C ASN D 78 38.89 -2.26 -13.14
N TRP D 79 39.68 -1.33 -12.61
CA TRP D 79 39.34 0.06 -12.58
C TRP D 79 39.53 0.61 -13.95
N LYS D 80 38.57 1.43 -14.36
CA LYS D 80 38.65 2.06 -15.71
C LYS D 80 38.34 3.55 -15.61
N TRP D 81 39.19 4.32 -16.27
CA TRP D 81 38.99 5.77 -16.40
C TRP D 81 37.82 6.05 -17.37
N ILE D 82 37.16 7.21 -17.21
CA ILE D 82 36.02 7.54 -18.09
C ILE D 82 36.42 7.76 -19.56
N ASN D 83 37.71 7.91 -19.81
CA ASN D 83 38.20 8.04 -21.15
C ASN D 83 38.42 6.65 -21.87
N GLY D 84 38.02 5.56 -21.27
CA GLY D 84 38.14 4.22 -21.89
C GLY D 84 39.32 3.37 -21.37
N SER D 85 40.45 3.97 -20.97
CA SER D 85 41.59 3.18 -20.49
C SER D 85 41.42 2.61 -19.12
N PHE D 86 41.94 1.39 -18.95
CA PHE D 86 42.03 0.73 -17.67
C PHE D 86 43.17 1.29 -16.83
N LEU D 87 42.99 1.24 -15.52
CA LEU D 87 43.99 1.73 -14.60
C LEU D 87 45.21 0.85 -14.82
N ASN D 88 46.35 1.45 -15.13
CA ASN D 88 47.52 0.67 -15.46
C ASN D 88 48.58 0.45 -14.35
N SER D 89 48.28 0.75 -13.10
CA SER D 89 49.32 0.61 -12.03
C SER D 89 48.72 0.57 -10.63
N ASN D 90 49.55 0.31 -9.62
CA ASN D 90 49.12 0.45 -8.22
C ASN D 90 49.55 1.79 -7.61
N ASP D 91 49.92 2.76 -8.47
CA ASP D 91 50.49 4.04 -7.99
C ASP D 91 49.57 4.96 -7.25
N LEU D 92 48.26 4.83 -7.48
CA LEU D 92 47.29 5.58 -6.70
C LEU D 92 47.14 5.00 -5.29
N GLU D 93 47.48 3.71 -5.11
CA GLU D 93 47.42 3.01 -3.82
C GLU D 93 45.98 3.10 -3.30
N ILE D 94 45.07 2.59 -4.13
CA ILE D 94 43.65 2.65 -3.84
C ILE D 94 43.44 1.83 -2.60
N ARG D 95 42.73 2.39 -1.63
CA ARG D 95 42.37 1.69 -0.44
C ARG D 95 40.89 1.31 -0.49
N GLY D 96 40.62 0.01 -0.29
CA GLY D 96 39.24 -0.53 -0.23
C GLY D 96 38.95 -1.50 -1.36
N ASP D 97 37.72 -2.01 -1.35
CA ASP D 97 37.36 -3.16 -2.19
C ASP D 97 37.10 -2.74 -3.63
N ALA D 98 37.41 -3.65 -4.54
CA ALA D 98 37.32 -3.45 -5.97
C ALA D 98 36.15 -4.28 -6.47
N LYS D 99 34.93 -3.75 -6.35
CA LYS D 99 33.73 -4.47 -6.76
C LYS D 99 32.74 -3.61 -7.55
N GLU D 100 31.72 -4.27 -8.12
CA GLU D 100 30.64 -3.57 -8.84
C GLU D 100 30.15 -2.43 -7.97
N ASN D 101 29.78 -1.35 -8.65
CA ASN D 101 29.28 -0.12 -8.03
C ASN D 101 30.28 0.51 -7.07
N SER D 102 31.56 0.34 -7.37
CA SER D 102 32.60 1.13 -6.69
C SER D 102 33.19 2.19 -7.62
N CYS D 103 33.44 3.35 -7.03
CA CYS D 103 34.01 4.52 -7.72
C CYS D 103 35.19 5.08 -6.89
N ILE D 104 36.14 5.75 -7.52
CA ILE D 104 37.34 6.26 -6.81
C ILE D 104 37.23 7.72 -6.37
N SER D 105 37.56 7.98 -5.09
CA SER D 105 37.65 9.34 -4.60
C SER D 105 39.08 9.65 -4.12
N ILE D 106 39.39 10.94 -3.96
CA ILE D 106 40.64 11.35 -3.34
C ILE D 106 40.39 12.37 -2.26
N SER D 107 41.37 12.47 -1.35
CA SER D 107 41.37 13.50 -0.29
C SER D 107 42.73 14.11 -0.33
N GLN D 108 42.99 15.04 0.55
CA GLN D 108 44.30 15.59 0.66
C GLN D 108 45.44 14.56 0.80
N THR D 109 45.16 13.44 1.50
CA THR D 109 46.16 12.45 1.80
C THR D 109 45.96 11.11 1.16
N SER D 110 44.71 10.75 0.77
CA SER D 110 44.35 9.36 0.47
C SER D 110 43.64 9.18 -0.88
N VAL D 111 43.53 7.92 -1.31
CA VAL D 111 42.71 7.53 -2.46
C VAL D 111 41.87 6.36 -2.03
N TYR D 112 40.54 6.50 -2.12
CA TYR D 112 39.56 5.49 -1.64
C TYR D 112 38.56 5.03 -2.65
N SER D 113 38.40 3.68 -2.69
CA SER D 113 37.22 3.04 -3.29
C SER D 113 36.03 3.33 -2.40
N GLU D 114 34.95 3.83 -3.00
CA GLU D 114 33.70 4.14 -2.28
C GLU D 114 32.48 3.72 -3.17
N TYR D 115 31.35 3.40 -2.55
CA TYR D 115 30.17 3.10 -3.36
C TYR D 115 29.76 4.35 -4.19
N CYS D 116 29.40 4.13 -5.42
CA CYS D 116 29.05 5.20 -6.35
C CYS D 116 27.90 6.08 -5.88
N SER D 117 27.01 5.50 -5.09
CA SER D 117 25.87 6.21 -4.49
C SER D 117 26.24 7.13 -3.35
N THR D 118 27.45 7.04 -2.84
CA THR D 118 27.90 7.92 -1.79
C THR D 118 27.94 9.37 -2.28
N GLU D 119 27.56 10.32 -1.45
CA GLU D 119 27.39 11.72 -1.83
C GLU D 119 28.53 12.54 -1.30
N ILE D 120 29.44 12.88 -2.21
CA ILE D 120 30.56 13.73 -1.90
C ILE D 120 30.78 14.77 -3.00
N ARG D 121 31.79 15.62 -2.79
CA ARG D 121 32.25 16.57 -3.76
C ARG D 121 32.94 15.88 -4.96
N TRP D 122 33.24 16.64 -6.01
CA TRP D 122 33.90 16.07 -7.18
C TRP D 122 34.76 17.15 -7.80
N ILE D 123 35.71 16.72 -8.63
CA ILE D 123 36.61 17.59 -9.31
C ILE D 123 36.40 17.41 -10.82
N CYS D 124 36.15 18.49 -11.52
CA CYS D 124 36.15 18.52 -13.00
C CYS D 124 37.47 19.10 -13.52
N GLN D 125 37.83 18.74 -14.75
CA GLN D 125 38.97 19.30 -15.44
C GLN D 125 38.70 19.70 -16.90
N LYS D 126 39.44 20.69 -17.36
CA LYS D 126 39.57 21.08 -18.74
C LYS D 126 41.06 21.17 -19.04
N GLU D 127 41.49 20.54 -20.12
CA GLU D 127 42.90 20.60 -20.61
C GLU D 127 43.21 21.88 -21.29
N LEU D 128 44.38 22.46 -21.03
CA LEU D 128 44.73 23.74 -21.66
C LEU D 128 45.36 23.48 -23.01
N GLY E 4 2.25 8.30 24.66
CA GLY E 4 2.12 6.96 24.03
C GLY E 4 0.69 6.45 23.96
N LEU E 5 0.01 6.81 22.87
CA LEU E 5 -1.34 6.26 22.57
C LEU E 5 -1.25 4.75 22.40
N LEU E 6 -0.33 4.31 21.54
CA LEU E 6 -0.15 2.87 21.21
C LEU E 6 1.06 2.30 21.91
N ASN E 7 1.21 1.00 21.91
CA ASN E 7 2.38 0.37 22.52
C ASN E 7 3.71 0.68 21.84
N CYS E 8 3.68 0.93 20.55
CA CYS E 8 4.89 1.19 19.81
C CYS E 8 5.00 2.66 19.53
N PRO E 9 6.22 3.20 19.52
CA PRO E 9 6.32 4.64 19.21
C PRO E 9 5.96 4.92 17.78
N ILE E 10 5.77 6.19 17.47
CA ILE E 10 5.40 6.59 16.10
C ILE E 10 6.48 6.17 15.10
N TYR E 11 6.04 5.69 13.92
CA TYR E 11 6.91 5.10 12.87
C TYR E 11 7.20 3.58 13.03
N TRP E 12 7.02 3.05 14.24
CA TRP E 12 7.25 1.64 14.50
C TRP E 12 5.94 0.83 14.33
N GLN E 13 6.08 -0.44 13.99
CA GLN E 13 4.94 -1.35 13.76
C GLN E 13 4.98 -2.38 14.88
N GLN E 14 3.85 -2.63 15.50
CA GLN E 14 3.76 -3.74 16.44
C GLN E 14 3.56 -5.05 15.70
N LEU E 15 4.26 -6.09 16.17
CA LEU E 15 4.10 -7.42 15.69
C LEU E 15 4.30 -8.35 16.85
N ARG E 16 3.22 -9.03 17.28
CA ARG E 16 3.26 -9.85 18.53
C ARG E 16 3.81 -8.92 19.66
N GLU E 17 4.84 -9.32 20.40
CA GLU E 17 5.33 -8.49 21.50
C GLU E 17 6.64 -7.75 21.14
N LYS E 18 6.74 -7.29 19.89
CA LYS E 18 7.86 -6.48 19.41
C LYS E 18 7.29 -5.25 18.70
N CYS E 19 8.05 -4.18 18.75
CA CYS E 19 7.93 -3.01 17.87
C CYS E 19 9.08 -3.10 16.85
N LEU E 20 8.80 -2.92 15.54
CA LEU E 20 9.73 -3.03 14.49
C LEU E 20 9.79 -1.73 13.70
N LEU E 21 11.00 -1.36 13.29
CA LEU E 21 11.21 -0.18 12.49
C LEU E 21 11.94 -0.65 11.26
N PHE E 22 11.32 -0.53 10.10
CA PHE E 22 11.96 -0.83 8.81
C PHE E 22 12.59 0.46 8.30
N SER E 23 13.89 0.46 8.01
CA SER E 23 14.56 1.68 7.58
C SER E 23 14.11 2.06 6.14
N HIS E 24 14.21 3.34 5.83
CA HIS E 24 14.02 3.80 4.43
C HIS E 24 15.31 4.17 3.69
N THR E 25 16.45 4.10 4.35
CA THR E 25 17.73 4.31 3.71
C THR E 25 18.51 3.05 3.87
N VAL E 26 19.65 3.00 3.19
CA VAL E 26 20.57 1.87 3.19
C VAL E 26 21.89 2.10 3.95
N ASN E 27 22.55 0.99 4.32
CA ASN E 27 23.77 1.00 5.08
C ASN E 27 24.41 -0.34 5.04
N PRO E 28 25.73 -0.37 5.16
CA PRO E 28 26.29 -1.67 5.47
C PRO E 28 25.83 -2.18 6.87
N TRP E 29 26.05 -3.48 7.14
CA TRP E 29 25.57 -4.08 8.36
C TRP E 29 26.06 -3.38 9.63
N ASN E 30 27.33 -3.01 9.67
CA ASN E 30 27.88 -2.36 10.90
C ASN E 30 27.22 -1.05 11.23
N ASN E 31 26.93 -0.26 10.24
CA ASN E 31 26.28 1.02 10.47
C ASN E 31 24.83 0.80 10.81
N SER E 32 24.24 -0.29 10.33
CA SER E 32 22.85 -0.62 10.68
C SER E 32 22.77 -0.91 12.16
N LEU E 33 23.74 -1.65 12.65
CA LEU E 33 23.77 -2.01 14.07
C LEU E 33 23.92 -0.73 14.86
N ALA E 34 24.76 0.21 14.37
CA ALA E 34 24.97 1.47 15.09
C ALA E 34 23.69 2.31 15.09
N ASP E 35 22.94 2.29 14.00
CA ASP E 35 21.62 2.98 13.98
C ASP E 35 20.65 2.42 14.98
N CYS E 36 20.51 1.08 15.00
CA CYS E 36 19.63 0.50 16.02
C CYS E 36 20.01 0.88 17.45
N SER E 37 21.30 0.78 17.76
CA SER E 37 21.80 1.11 19.04
C SER E 37 21.51 2.59 19.39
N THR E 38 21.70 3.48 18.40
CA THR E 38 21.38 4.90 18.57
C THR E 38 19.92 5.12 18.89
N LYS E 39 19.07 4.30 18.26
CA LYS E 39 17.63 4.34 18.55
C LYS E 39 17.21 3.49 19.78
N GLU E 40 18.21 3.06 20.58
CA GLU E 40 17.97 2.26 21.76
C GLU E 40 17.17 1.00 21.44
N SER E 41 17.76 0.20 20.53
CA SER E 41 17.05 -0.93 19.94
C SER E 41 18.07 -1.92 19.43
N SER E 42 17.58 -3.12 19.13
CA SER E 42 18.39 -4.19 18.58
C SER E 42 18.18 -4.33 17.11
N LEU E 43 19.17 -4.82 16.36
CA LEU E 43 18.83 -5.39 15.05
C LEU E 43 17.86 -6.58 15.23
N LEU E 44 17.01 -6.80 14.23
CA LEU E 44 15.93 -7.78 14.36
C LEU E 44 16.51 -9.16 14.75
N LEU E 45 15.96 -9.74 15.79
CA LEU E 45 16.21 -11.14 16.13
C LEU E 45 14.97 -11.99 15.72
N ILE E 46 15.22 -13.15 15.10
CA ILE E 46 14.14 -14.03 14.64
C ILE E 46 14.21 -15.42 15.41
N ARG E 47 13.23 -15.68 16.26
CA ARG E 47 13.14 -16.89 17.08
C ARG E 47 12.92 -18.18 16.26
N ASP E 48 12.07 -18.10 15.23
CA ASP E 48 11.69 -19.30 14.48
C ASP E 48 11.02 -18.93 13.20
N LYS E 49 10.67 -19.95 12.43
CA LYS E 49 10.05 -19.78 11.14
C LYS E 49 8.76 -18.98 11.21
N ASP E 50 8.01 -19.16 12.27
CA ASP E 50 6.77 -18.42 12.41
C ASP E 50 6.94 -16.89 12.48
N GLU E 51 7.90 -16.46 13.29
CA GLU E 51 8.24 -15.02 13.40
C GLU E 51 8.69 -14.49 12.06
N LEU E 52 9.52 -15.26 11.34
CA LEU E 52 10.03 -14.90 10.05
C LEU E 52 8.89 -14.63 9.10
N ILE E 53 8.01 -15.61 8.97
CA ILE E 53 6.83 -15.49 8.12
C ILE E 53 5.97 -14.26 8.45
N HIS E 54 5.72 -14.01 9.74
CA HIS E 54 4.89 -12.88 10.15
C HIS E 54 5.56 -11.51 9.94
N THR E 55 6.87 -11.47 10.07
CA THR E 55 7.65 -10.31 9.75
C THR E 55 7.67 -10.04 8.24
N GLN E 56 7.84 -11.10 7.44
CA GLN E 56 7.80 -11.00 5.98
C GLN E 56 6.48 -10.46 5.44
N ASN E 57 5.42 -10.80 6.13
CA ASN E 57 4.07 -10.42 5.76
C ASN E 57 3.80 -8.93 5.98
N LEU E 58 4.70 -8.21 6.64
CA LEU E 58 4.64 -6.74 6.68
C LEU E 58 5.18 -6.07 5.44
N ILE E 59 5.98 -6.76 4.63
CA ILE E 59 6.73 -6.20 3.52
C ILE E 59 5.93 -6.30 2.17
N ARG E 60 5.78 -5.17 1.48
CA ARG E 60 5.09 -5.13 0.19
C ARG E 60 6.00 -5.39 -0.99
N ASP E 61 7.19 -4.82 -0.99
CA ASP E 61 7.99 -4.79 -2.18
C ASP E 61 8.80 -6.09 -2.23
N LYS E 62 8.68 -6.87 -3.28
CA LYS E 62 9.25 -8.22 -3.32
C LYS E 62 10.79 -8.25 -3.47
N ALA E 63 11.37 -7.15 -3.86
CA ALA E 63 12.78 -7.10 -4.20
C ALA E 63 13.65 -6.71 -3.01
N ILE E 64 13.10 -5.95 -2.09
CA ILE E 64 13.90 -5.26 -1.12
C ILE E 64 14.48 -6.17 -0.02
N LEU E 65 15.76 -5.95 0.33
CA LEU E 65 16.44 -6.68 1.41
C LEU E 65 16.60 -5.83 2.71
N PHE E 66 16.57 -6.50 3.86
CA PHE E 66 16.74 -5.88 5.16
C PHE E 66 17.74 -6.68 5.97
N TRP E 67 18.80 -6.02 6.46
CA TRP E 67 19.66 -6.68 7.46
C TRP E 67 18.88 -7.03 8.70
N ILE E 68 19.27 -8.16 9.29
CA ILE E 68 18.84 -8.58 10.62
C ILE E 68 20.10 -8.81 11.48
N GLY E 69 19.92 -9.10 12.76
CA GLY E 69 21.04 -9.12 13.70
C GLY E 69 21.82 -10.43 13.79
N LEU E 70 22.30 -10.87 12.65
CA LEU E 70 22.89 -12.20 12.50
C LEU E 70 24.01 -12.08 11.53
N ASN E 71 25.20 -12.55 11.92
CA ASN E 71 26.34 -12.55 11.04
C ASN E 71 27.29 -13.78 11.29
N PHE E 72 28.27 -13.96 10.42
CA PHE E 72 29.07 -15.18 10.48
C PHE E 72 30.23 -14.91 11.43
N SER E 73 30.40 -15.81 12.39
CA SER E 73 31.51 -15.82 13.33
C SER E 73 32.55 -16.80 12.75
N LEU E 74 33.63 -16.22 12.21
CA LEU E 74 34.70 -17.02 11.56
C LEU E 74 35.35 -18.01 12.53
N SER E 75 35.68 -17.48 13.70
CA SER E 75 36.04 -18.23 14.88
C SER E 75 35.29 -19.56 15.01
N GLU E 76 33.97 -19.54 15.19
CA GLU E 76 33.15 -20.77 15.37
C GLU E 76 32.56 -21.35 14.09
N LYS E 77 32.92 -20.81 12.92
CA LYS E 77 32.35 -21.28 11.66
C LYS E 77 30.83 -21.48 11.79
N ASN E 78 30.12 -20.44 12.22
CA ASN E 78 28.67 -20.47 12.25
C ASN E 78 28.09 -19.05 12.33
N TRP E 79 26.84 -18.95 11.96
CA TRP E 79 26.08 -17.73 12.15
C TRP E 79 25.84 -17.51 13.62
N LYS E 80 26.03 -16.28 14.09
CA LYS E 80 25.80 -15.88 15.47
C LYS E 80 24.91 -14.60 15.55
N TRP E 81 23.94 -14.62 16.40
CA TRP E 81 23.05 -13.48 16.61
C TRP E 81 23.83 -12.46 17.47
N ILE E 82 23.45 -11.17 17.33
CA ILE E 82 24.11 -10.11 18.11
C ILE E 82 23.91 -10.24 19.62
N ASN E 83 22.94 -11.03 20.05
CA ASN E 83 22.76 -11.26 21.48
C ASN E 83 23.73 -12.30 22.08
N GLY E 84 24.65 -12.80 21.28
CA GLY E 84 25.60 -13.81 21.72
C GLY E 84 25.22 -15.28 21.49
N SER E 85 23.99 -15.62 21.11
CA SER E 85 23.64 -17.01 20.80
C SER E 85 23.94 -17.42 19.38
N PHE E 86 24.35 -18.68 19.19
CA PHE E 86 24.56 -19.28 17.83
C PHE E 86 23.23 -19.60 17.18
N LEU E 87 23.18 -19.48 15.87
CA LEU E 87 21.95 -19.83 15.16
C LEU E 87 21.52 -21.30 15.48
N ASN E 88 20.27 -21.47 15.89
CA ASN E 88 19.72 -22.77 16.33
C ASN E 88 19.73 -23.85 15.24
N SER E 89 18.99 -23.56 14.17
CA SER E 89 18.46 -24.56 13.26
C SER E 89 18.70 -24.13 11.83
N ASN E 90 18.17 -24.92 10.89
CA ASN E 90 18.05 -24.51 9.50
C ASN E 90 16.67 -23.92 9.21
N ASP E 91 15.89 -23.53 10.23
CA ASP E 91 14.56 -22.90 10.00
C ASP E 91 14.55 -21.71 9.03
N LEU E 92 15.61 -20.91 9.05
CA LEU E 92 15.66 -19.74 8.21
C LEU E 92 15.95 -20.06 6.77
N GLU E 93 16.54 -21.23 6.49
CA GLU E 93 16.87 -21.60 5.10
C GLU E 93 17.70 -20.55 4.36
N ILE E 94 18.83 -20.21 4.97
CA ILE E 94 19.69 -19.20 4.42
C ILE E 94 20.19 -19.62 3.04
N ARG E 95 20.06 -18.71 2.07
CA ARG E 95 20.62 -18.95 0.74
C ARG E 95 21.94 -18.20 0.56
N GLY E 96 22.97 -18.91 0.10
CA GLY E 96 24.27 -18.32 -0.18
C GLY E 96 25.32 -18.82 0.80
N ASP E 97 26.55 -18.34 0.64
CA ASP E 97 27.72 -18.90 1.30
C ASP E 97 27.96 -18.31 2.72
N ALA E 98 28.34 -19.21 3.62
CA ALA E 98 28.68 -18.88 5.00
C ALA E 98 30.18 -18.63 5.06
N LYS E 99 30.58 -17.49 4.52
CA LYS E 99 31.99 -17.05 4.45
C LYS E 99 32.26 -15.98 5.50
N GLU E 100 33.54 -15.64 5.66
CA GLU E 100 33.93 -14.50 6.44
C GLU E 100 33.36 -13.21 5.86
N ASN E 101 32.97 -12.33 6.76
CA ASN E 101 32.37 -11.05 6.35
C ASN E 101 31.03 -11.15 5.67
N SER E 102 30.27 -12.17 6.08
CA SER E 102 28.91 -12.38 5.64
C SER E 102 27.94 -12.04 6.74
N CYS E 103 26.81 -11.45 6.35
CA CYS E 103 25.78 -11.03 7.27
C CYS E 103 24.44 -11.54 6.69
N ILE E 104 23.38 -11.64 7.51
CA ILE E 104 22.11 -12.14 7.01
C ILE E 104 21.10 -11.01 6.74
N SER E 105 20.45 -11.05 5.57
CA SER E 105 19.34 -10.21 5.23
C SER E 105 18.04 -11.04 5.02
N ILE E 106 16.85 -10.43 5.10
CA ILE E 106 15.59 -11.10 4.68
C ILE E 106 14.91 -10.29 3.60
N SER E 107 14.14 -10.93 2.73
CA SER E 107 13.17 -10.27 1.84
C SER E 107 11.81 -10.71 2.22
N GLN E 108 10.81 -10.29 1.45
CA GLN E 108 9.47 -10.77 1.60
C GLN E 108 9.36 -12.27 1.57
N THR E 109 10.26 -12.92 0.83
CA THR E 109 10.12 -14.34 0.52
C THR E 109 11.24 -15.17 1.00
N SER E 110 12.46 -14.63 1.09
CA SER E 110 13.66 -15.42 1.38
C SER E 110 14.60 -14.82 2.42
N VAL E 111 15.69 -15.54 2.68
CA VAL E 111 16.72 -15.18 3.63
C VAL E 111 18.01 -15.40 2.94
N TYR E 112 18.88 -14.39 2.93
CA TYR E 112 20.12 -14.38 2.14
C TYR E 112 21.37 -14.05 2.96
N SER E 113 22.46 -14.76 2.63
CA SER E 113 23.81 -14.38 3.07
C SER E 113 24.29 -13.32 2.10
N GLU E 114 24.80 -12.19 2.61
CA GLU E 114 25.26 -11.12 1.81
C GLU E 114 26.56 -10.63 2.45
N TYR E 115 27.41 -10.05 1.65
CA TYR E 115 28.61 -9.37 2.20
C TYR E 115 28.20 -8.26 3.11
N CYS E 116 28.80 -8.20 4.29
CA CYS E 116 28.49 -7.16 5.30
C CYS E 116 28.65 -5.73 4.84
N SER E 117 29.53 -5.52 3.87
CA SER E 117 29.75 -4.25 3.23
C SER E 117 28.63 -3.82 2.33
N THR E 118 27.78 -4.72 1.88
CA THR E 118 26.67 -4.36 1.02
C THR E 118 25.71 -3.40 1.67
N GLU E 119 25.21 -2.43 0.92
CA GLU E 119 24.36 -1.37 1.47
C GLU E 119 22.88 -1.73 1.21
N ILE E 120 22.16 -2.09 2.24
CA ILE E 120 20.75 -2.35 2.13
C ILE E 120 20.04 -1.80 3.36
N ARG E 121 18.71 -1.91 3.39
CA ARG E 121 17.92 -1.42 4.48
C ARG E 121 18.09 -2.39 5.64
N TRP E 122 17.53 -2.05 6.79
CA TRP E 122 17.67 -2.89 7.99
C TRP E 122 16.44 -2.76 8.86
N ILE E 123 16.28 -3.69 9.78
CA ILE E 123 15.13 -3.67 10.72
C ILE E 123 15.63 -3.66 12.14
N CYS E 124 15.14 -2.71 12.89
CA CYS E 124 15.38 -2.63 14.34
C CYS E 124 14.15 -3.10 15.15
N GLN E 125 14.39 -3.58 16.37
CA GLN E 125 13.36 -4.04 17.26
C GLN E 125 13.49 -3.49 18.67
N LYS E 126 12.34 -3.33 19.29
CA LYS E 126 12.20 -3.11 20.74
C LYS E 126 11.16 -4.16 21.26
N GLU E 127 11.44 -4.77 22.40
CA GLU E 127 10.57 -5.84 22.98
C GLU E 127 9.52 -5.17 23.84
N LEU E 128 8.25 -5.56 23.69
CA LEU E 128 7.22 -4.96 24.59
C LEU E 128 7.19 -5.62 25.96
N LEU F 5 10.95 6.80 28.78
CA LEU F 5 11.52 6.10 29.98
C LEU F 5 11.56 7.06 31.17
N LEU F 6 10.88 6.67 32.27
CA LEU F 6 10.58 7.53 33.42
C LEU F 6 11.58 7.37 34.57
N ASN F 7 11.85 6.12 34.96
CA ASN F 7 12.90 5.78 35.90
C ASN F 7 13.95 4.90 35.22
N CYS F 8 15.14 4.83 35.81
CA CYS F 8 16.19 3.99 35.28
C CYS F 8 15.85 2.54 35.55
N PRO F 9 16.20 1.64 34.60
CA PRO F 9 16.06 0.23 34.96
C PRO F 9 17.02 -0.21 36.03
N ILE F 10 16.68 -1.35 36.55
CA ILE F 10 17.42 -2.03 37.60
C ILE F 10 18.89 -2.27 37.14
N TYR F 11 19.85 -1.84 37.98
CA TYR F 11 21.31 -1.90 37.80
C TYR F 11 21.90 -0.69 37.05
N TRP F 12 21.06 0.13 36.42
CA TRP F 12 21.55 1.28 35.68
C TRP F 12 21.66 2.46 36.65
N GLN F 13 22.57 3.41 36.41
CA GLN F 13 22.75 4.60 37.28
C GLN F 13 22.26 5.83 36.60
N GLN F 14 21.49 6.64 37.30
CA GLN F 14 20.99 7.86 36.72
C GLN F 14 22.04 8.92 36.81
N LEU F 15 22.26 9.66 35.71
CA LEU F 15 23.13 10.78 35.70
C LEU F 15 22.43 11.84 34.87
N ARG F 16 21.86 12.86 35.54
CA ARG F 16 21.09 13.94 34.89
C ARG F 16 19.93 13.25 34.17
N GLU F 17 19.85 13.33 32.85
CA GLU F 17 18.70 12.82 32.10
C GLU F 17 19.04 11.52 31.37
N LYS F 18 20.08 10.81 31.82
CA LYS F 18 20.48 9.51 31.23
C LYS F 18 20.59 8.43 32.27
N CYS F 19 20.35 7.21 31.82
CA CYS F 19 20.61 6.02 32.63
C CYS F 19 21.85 5.41 32.03
N LEU F 20 22.81 5.02 32.89
CA LEU F 20 24.11 4.46 32.43
C LEU F 20 24.36 3.11 33.02
N LEU F 21 24.90 2.21 32.19
CA LEU F 21 25.30 0.89 32.62
C LEU F 21 26.76 0.71 32.34
N PHE F 22 27.52 0.61 33.41
CA PHE F 22 28.94 0.22 33.32
C PHE F 22 29.10 -1.26 33.35
N SER F 23 29.74 -1.87 32.34
CA SER F 23 29.83 -3.29 32.20
C SER F 23 30.71 -3.88 33.31
N HIS F 24 30.55 -5.19 33.53
CA HIS F 24 31.34 -5.96 34.48
C HIS F 24 32.36 -6.86 33.83
N THR F 25 32.35 -6.91 32.50
CA THR F 25 33.27 -7.69 31.70
C THR F 25 33.86 -6.84 30.60
N VAL F 26 34.80 -7.42 29.88
CA VAL F 26 35.47 -6.80 28.77
C VAL F 26 35.03 -7.31 27.42
N ASN F 27 35.25 -6.50 26.37
CA ASN F 27 34.99 -6.89 24.99
C ASN F 27 35.70 -5.98 24.02
N PRO F 28 35.93 -6.46 22.81
CA PRO F 28 36.25 -5.55 21.75
C PRO F 28 35.09 -4.55 21.51
N TRP F 29 35.40 -3.45 20.83
CA TRP F 29 34.43 -2.40 20.65
C TRP F 29 33.16 -2.90 19.90
N ASN F 30 33.33 -3.66 18.84
CA ASN F 30 32.22 -4.18 18.04
CA ASN F 30 32.25 -4.24 18.03
C ASN F 30 31.27 -5.02 18.91
N ASN F 31 31.82 -5.88 19.75
CA ASN F 31 31.01 -6.66 20.68
C ASN F 31 30.37 -5.85 21.72
N SER F 32 31.04 -4.76 22.16
CA SER F 32 30.43 -3.80 23.08
C SER F 32 29.18 -3.11 22.50
N LEU F 33 29.28 -2.73 21.27
CA LEU F 33 28.13 -2.08 20.53
C LEU F 33 26.97 -3.08 20.40
N ALA F 34 27.28 -4.33 20.07
CA ALA F 34 26.25 -5.40 20.05
C ALA F 34 25.60 -5.66 21.38
N ASP F 35 26.38 -5.58 22.46
CA ASP F 35 25.83 -5.66 23.78
C ASP F 35 24.86 -4.53 24.09
N CYS F 36 25.24 -3.30 23.75
CA CYS F 36 24.32 -2.19 24.04
C CYS F 36 23.05 -2.29 23.21
N SER F 37 23.19 -2.67 21.96
CA SER F 37 22.02 -2.85 21.07
C SER F 37 21.10 -3.95 21.62
N THR F 38 21.70 -5.03 22.09
CA THR F 38 20.94 -6.14 22.72
C THR F 38 20.13 -5.68 23.92
N LYS F 39 20.72 -4.77 24.68
CA LYS F 39 20.07 -4.18 25.82
C LYS F 39 19.14 -2.97 25.46
N GLU F 40 18.90 -2.71 24.18
CA GLU F 40 18.06 -1.62 23.69
C GLU F 40 18.58 -0.27 24.20
N SER F 41 19.85 -0.06 23.91
CA SER F 41 20.63 1.09 24.42
C SER F 41 21.76 1.45 23.45
N SER F 42 22.35 2.60 23.68
CA SER F 42 23.43 3.12 22.86
C SER F 42 24.75 2.96 23.60
N LEU F 43 25.84 2.73 22.90
CA LEU F 43 27.11 3.03 23.52
C LEU F 43 27.15 4.52 23.96
N LEU F 44 27.84 4.80 25.03
CA LEU F 44 27.84 6.19 25.56
C LEU F 44 28.18 7.29 24.55
N LEU F 45 27.33 8.31 24.50
CA LEU F 45 27.50 9.49 23.71
C LEU F 45 27.70 10.67 24.68
N ILE F 46 28.71 11.48 24.43
CA ILE F 46 29.10 12.58 25.34
CA ILE F 46 29.13 12.58 25.33
C ILE F 46 28.97 13.89 24.58
N ARG F 47 28.03 14.70 25.00
CA ARG F 47 27.69 15.95 24.31
C ARG F 47 28.73 17.04 24.47
N ASP F 48 29.26 17.20 25.68
CA ASP F 48 30.22 18.30 25.90
C ASP F 48 31.10 18.02 27.08
N LYS F 49 32.01 18.91 27.36
CA LYS F 49 32.97 18.75 28.47
C LYS F 49 32.28 18.55 29.79
N ASP F 50 31.22 19.32 30.05
CA ASP F 50 30.52 19.19 31.31
C ASP F 50 29.96 17.78 31.50
N GLU F 51 29.39 17.22 30.43
CA GLU F 51 28.94 15.84 30.55
C GLU F 51 30.16 14.85 30.71
N LEU F 52 31.26 15.07 30.01
CA LEU F 52 32.44 14.23 30.29
C LEU F 52 32.88 14.23 31.75
N ILE F 53 32.98 15.43 32.33
CA ILE F 53 33.36 15.55 33.76
C ILE F 53 32.44 14.82 34.68
N HIS F 54 31.14 15.01 34.53
CA HIS F 54 30.19 14.35 35.42
C HIS F 54 30.11 12.83 35.23
N THR F 55 30.37 12.37 34.01
CA THR F 55 30.45 10.94 33.75
C THR F 55 31.69 10.34 34.36
N GLN F 56 32.81 11.02 34.19
CA GLN F 56 34.09 10.53 34.77
C GLN F 56 34.04 10.51 36.29
N ASN F 57 33.29 11.43 36.89
CA ASN F 57 33.15 11.48 38.31
C ASN F 57 32.48 10.18 38.87
N LEU F 58 31.80 9.38 38.03
CA LEU F 58 31.19 8.16 38.48
C LEU F 58 32.14 7.01 38.53
N ILE F 59 33.31 7.15 37.91
CA ILE F 59 34.22 6.03 37.78
C ILE F 59 35.06 6.04 39.04
N ARG F 60 34.91 5.01 39.86
CA ARG F 60 35.69 4.91 41.11
C ARG F 60 37.12 4.32 40.91
N ASP F 61 37.24 3.34 40.03
CA ASP F 61 38.50 2.66 39.71
C ASP F 61 39.35 3.59 38.74
N LYS F 62 40.34 4.28 39.27
CA LYS F 62 41.30 5.09 38.48
C LYS F 62 42.05 4.40 37.35
N ALA F 63 42.17 3.08 37.38
CA ALA F 63 43.03 2.38 36.47
C ALA F 63 42.29 1.73 35.30
N ILE F 64 40.96 1.79 35.29
CA ILE F 64 40.17 1.09 34.27
C ILE F 64 39.81 2.01 33.12
N LEU F 65 39.52 1.43 31.97
CA LEU F 65 39.00 2.16 30.81
C LEU F 65 37.65 1.62 30.44
N PHE F 66 36.84 2.44 29.77
CA PHE F 66 35.53 2.02 29.23
C PHE F 66 35.34 2.51 27.82
N TRP F 67 34.95 1.64 26.90
CA TRP F 67 34.58 2.05 25.57
C TRP F 67 33.36 2.96 25.57
N ILE F 68 33.41 3.99 24.71
CA ILE F 68 32.24 4.81 24.42
C ILE F 68 31.85 4.71 22.94
N GLY F 69 30.76 5.37 22.56
CA GLY F 69 30.22 5.21 21.20
C GLY F 69 30.88 6.02 20.12
N LEU F 70 32.19 5.91 20.01
CA LEU F 70 32.94 6.82 19.14
C LEU F 70 34.12 6.07 18.59
N ASN F 71 34.28 6.08 17.28
CA ASN F 71 35.44 5.42 16.66
C ASN F 71 35.95 6.19 15.39
N PHE F 72 37.06 5.77 14.82
CA PHE F 72 37.70 6.56 13.79
C PHE F 72 37.05 6.20 12.47
N SER F 73 36.58 7.23 11.78
CA SER F 73 36.13 7.10 10.41
C SER F 73 37.28 7.52 9.43
N LEU F 74 37.80 6.50 8.76
CA LEU F 74 38.99 6.60 7.98
C LEU F 74 38.90 7.64 6.87
N SER F 75 37.75 7.77 6.23
CA SER F 75 37.65 8.58 5.06
C SER F 75 37.09 9.97 5.33
N GLU F 76 36.72 10.24 6.58
CA GLU F 76 36.55 11.62 7.01
C GLU F 76 37.72 12.08 7.85
N LYS F 77 38.71 11.20 8.07
CA LYS F 77 39.82 11.47 8.98
C LYS F 77 39.40 12.05 10.31
N ASN F 78 38.30 11.55 10.86
CA ASN F 78 37.87 12.06 12.11
C ASN F 78 37.08 11.00 12.89
N TRP F 79 36.83 11.34 14.15
CA TRP F 79 36.16 10.48 15.10
C TRP F 79 34.69 10.69 14.77
N LYS F 80 33.95 9.61 14.63
CA LYS F 80 32.52 9.65 14.39
C LYS F 80 31.78 8.89 15.49
N TRP F 81 30.77 9.52 16.05
CA TRP F 81 29.87 8.90 16.96
C TRP F 81 28.97 7.86 16.25
N ILE F 82 28.47 6.91 17.02
CA ILE F 82 27.62 5.87 16.42
C ILE F 82 26.26 6.43 15.97
N ASN F 83 25.89 7.64 16.40
CA ASN F 83 24.71 8.31 15.83
C ASN F 83 24.88 8.99 14.43
N GLY F 84 26.03 8.85 13.79
CA GLY F 84 26.33 9.45 12.50
C GLY F 84 27.07 10.78 12.50
N SER F 85 27.07 11.52 13.63
CA SER F 85 27.75 12.84 13.64
C SER F 85 29.26 12.71 13.99
N PHE F 86 30.06 13.55 13.35
CA PHE F 86 31.48 13.72 13.68
C PHE F 86 31.73 14.43 14.98
N LEU F 87 32.86 14.10 15.58
CA LEU F 87 33.34 14.88 16.69
C LEU F 87 34.05 16.08 15.99
N ASN F 88 33.39 17.22 15.95
CA ASN F 88 34.04 18.41 15.36
C ASN F 88 34.43 19.50 16.39
N SER F 89 34.42 19.14 17.67
CA SER F 89 34.86 20.03 18.73
C SER F 89 35.99 19.35 19.50
N ASN F 90 36.67 20.13 20.36
CA ASN F 90 37.62 19.65 21.32
C ASN F 90 37.00 19.40 22.69
N ASP F 91 35.78 18.87 22.74
CA ASP F 91 35.16 18.49 24.00
C ASP F 91 35.97 17.40 24.76
N LEU F 92 36.70 16.53 24.05
CA LEU F 92 37.28 15.37 24.64
C LEU F 92 38.77 15.37 24.79
N GLU F 93 39.51 16.03 23.89
CA GLU F 93 41.00 16.09 23.93
C GLU F 93 41.61 14.66 23.99
N ILE F 94 41.28 13.91 22.96
CA ILE F 94 41.65 12.53 22.85
C ILE F 94 43.18 12.41 22.85
N ARG F 95 43.69 11.48 23.64
CA ARG F 95 45.11 11.14 23.60
C ARG F 95 45.30 9.82 22.86
N GLY F 96 46.33 9.74 22.02
CA GLY F 96 46.71 8.52 21.26
C GLY F 96 46.44 8.69 19.76
N ASP F 97 46.53 7.59 19.03
CA ASP F 97 46.51 7.63 17.56
C ASP F 97 45.11 7.70 16.97
N ALA F 98 45.02 8.48 15.89
CA ALA F 98 43.82 8.66 15.12
C ALA F 98 44.08 7.85 13.86
N LYS F 99 43.79 6.55 13.94
CA LYS F 99 44.18 5.54 12.98
C LYS F 99 42.97 4.66 12.66
N GLU F 100 42.96 4.10 11.46
CA GLU F 100 41.94 3.11 11.11
C GLU F 100 41.96 2.11 12.23
N ASN F 101 40.81 1.59 12.59
CA ASN F 101 40.70 0.59 13.67
C ASN F 101 41.05 1.08 15.06
N SER F 102 40.92 2.39 15.26
CA SER F 102 40.95 3.01 16.54
C SER F 102 39.57 3.37 17.08
N CYS F 103 39.37 3.17 18.38
CA CYS F 103 38.10 3.49 19.03
C CYS F 103 38.40 4.24 20.29
N ILE F 104 37.39 4.93 20.82
CA ILE F 104 37.62 5.77 22.01
C ILE F 104 37.11 5.16 23.31
N SER F 105 37.90 5.29 24.36
CA SER F 105 37.59 4.90 25.67
C SER F 105 37.85 6.10 26.65
N ILE F 106 37.26 6.00 27.84
CA ILE F 106 37.41 6.97 28.89
C ILE F 106 37.85 6.29 30.17
N SER F 107 38.59 7.05 30.98
CA SER F 107 38.89 6.67 32.36
C SER F 107 38.39 7.77 33.22
N GLN F 108 38.61 7.63 34.51
CA GLN F 108 38.30 8.71 35.47
C GLN F 108 38.94 10.03 35.13
N THR F 109 40.11 10.03 34.54
CA THR F 109 40.80 11.26 34.29
C THR F 109 41.04 11.62 32.82
N SER F 110 40.94 10.67 31.88
CA SER F 110 41.42 10.89 30.51
C SER F 110 40.48 10.26 29.44
N VAL F 111 40.77 10.53 28.19
CA VAL F 111 40.11 9.97 27.05
C VAL F 111 41.24 9.42 26.15
N TYR F 112 41.22 8.11 25.86
CA TYR F 112 42.27 7.43 25.12
C TYR F 112 41.75 6.74 23.91
N SER F 113 42.39 6.96 22.77
CA SER F 113 42.31 6.08 21.61
C SER F 113 42.96 4.73 21.87
N GLU F 114 42.28 3.63 21.56
CA GLU F 114 42.86 2.28 21.65
C GLU F 114 42.39 1.48 20.47
N TYR F 115 43.14 0.48 20.08
CA TYR F 115 42.72 -0.40 18.97
C TYR F 115 41.39 -1.02 19.31
N CYS F 116 40.53 -1.04 18.32
CA CYS F 116 39.14 -1.52 18.48
C CYS F 116 39.03 -3.00 18.89
N SER F 117 40.04 -3.80 18.60
CA SER F 117 40.13 -5.19 19.02
C SER F 117 40.59 -5.38 20.44
N THR F 118 41.03 -4.34 21.15
CA THR F 118 41.37 -4.43 22.53
C THR F 118 40.14 -4.77 23.34
N GLU F 119 40.26 -5.64 24.34
CA GLU F 119 39.16 -5.97 25.21
C GLU F 119 39.13 -5.03 26.40
N ILE F 120 38.09 -4.17 26.41
CA ILE F 120 37.92 -3.13 27.43
C ILE F 120 36.50 -3.31 27.99
N ARG F 121 36.27 -2.77 29.17
CA ARG F 121 34.91 -2.52 29.61
C ARG F 121 34.17 -1.47 28.75
N TRP F 122 32.84 -1.39 28.91
CA TRP F 122 32.07 -0.42 28.10
C TRP F 122 30.90 0.15 28.88
N ILE F 123 30.40 1.25 28.36
CA ILE F 123 29.29 1.92 28.97
C ILE F 123 28.11 2.02 27.99
N CYS F 124 26.93 1.60 28.42
CA CYS F 124 25.68 1.82 27.64
C CYS F 124 24.83 2.91 28.29
N GLN F 125 24.02 3.59 27.50
CA GLN F 125 23.11 4.63 27.95
C GLN F 125 21.67 4.45 27.40
N LYS F 126 20.72 4.91 28.19
CA LYS F 126 19.30 5.04 27.79
C LYS F 126 18.89 6.41 28.29
N GLU F 127 18.18 7.18 27.46
CA GLU F 127 17.80 8.55 27.80
C GLU F 127 16.50 8.50 28.62
N LEU F 128 16.35 9.39 29.61
CA LEU F 128 15.09 9.45 30.39
C LEU F 128 14.06 10.32 29.69
N LEU G 5 -1.97 3.77 -5.01
CA LEU G 5 -2.96 3.85 -6.12
C LEU G 5 -2.28 4.32 -7.44
N LEU G 6 -2.11 3.38 -8.36
CA LEU G 6 -1.25 3.59 -9.55
C LEU G 6 -2.06 3.80 -10.83
N ASN G 7 -3.25 3.20 -10.89
CA ASN G 7 -4.29 3.60 -11.86
C ASN G 7 -5.68 3.10 -11.39
N CYS G 8 -6.73 3.43 -12.13
CA CYS G 8 -8.09 3.34 -11.60
C CYS G 8 -8.69 1.93 -11.61
N PRO G 9 -9.36 1.53 -10.50
CA PRO G 9 -10.07 0.26 -10.51
C PRO G 9 -11.22 0.21 -11.52
N ILE G 10 -11.65 -0.99 -11.84
CA ILE G 10 -12.75 -1.23 -12.79
C ILE G 10 -14.03 -0.50 -12.43
N TYR G 11 -14.68 0.06 -13.45
CA TYR G 11 -15.82 0.99 -13.35
C TYR G 11 -15.43 2.39 -12.94
N TRP G 12 -14.25 2.58 -12.32
CA TRP G 12 -13.81 3.94 -12.00
C TRP G 12 -13.27 4.63 -13.28
N GLN G 13 -13.49 5.93 -13.39
CA GLN G 13 -13.04 6.72 -14.53
C GLN G 13 -11.92 7.61 -14.13
N GLN G 14 -10.82 7.61 -14.90
CA GLN G 14 -9.75 8.54 -14.64
C GLN G 14 -10.07 9.96 -15.09
N LEU G 15 -9.71 10.94 -14.26
CA LEU G 15 -9.78 12.32 -14.62
C LEU G 15 -8.68 13.05 -13.91
N ARG G 16 -7.65 13.43 -14.68
CA ARG G 16 -6.45 14.03 -14.13
C ARG G 16 -5.86 13.14 -13.02
N GLU G 17 -5.59 13.67 -11.87
CA GLU G 17 -5.07 12.87 -10.75
C GLU G 17 -6.14 12.12 -9.89
N LYS G 18 -7.37 11.94 -10.39
CA LYS G 18 -8.48 11.26 -9.62
C LYS G 18 -9.11 10.09 -10.35
N CYS G 19 -9.56 9.08 -9.59
CA CYS G 19 -10.43 8.06 -10.06
C CYS G 19 -11.81 8.36 -9.46
N LEU G 20 -12.81 8.39 -10.33
CA LEU G 20 -14.16 8.84 -9.99
C LEU G 20 -15.08 7.72 -10.26
N LEU G 21 -16.04 7.48 -9.34
CA LEU G 21 -17.08 6.49 -9.52
C LEU G 21 -18.46 7.15 -9.45
N PHE G 22 -19.18 7.11 -10.58
CA PHE G 22 -20.50 7.71 -10.70
C PHE G 22 -21.50 6.62 -10.37
N SER G 23 -22.35 6.79 -9.33
CA SER G 23 -23.26 5.70 -9.02
C SER G 23 -24.31 5.56 -10.09
N HIS G 24 -24.97 4.42 -10.15
CA HIS G 24 -26.11 4.23 -11.08
CA HIS G 24 -26.10 4.13 -11.07
C HIS G 24 -27.42 4.09 -10.29
N THR G 25 -27.35 4.03 -8.97
CA THR G 25 -28.50 4.00 -8.06
C THR G 25 -28.50 5.29 -7.23
N VAL G 26 -29.55 5.47 -6.46
CA VAL G 26 -29.78 6.67 -5.68
C VAL G 26 -29.66 6.41 -4.20
N ASN G 27 -29.47 7.48 -3.44
CA ASN G 27 -29.35 7.38 -1.99
C ASN G 27 -29.50 8.74 -1.40
N PRO G 28 -29.93 8.83 -0.12
CA PRO G 28 -29.72 10.13 0.57
C PRO G 28 -28.24 10.42 0.79
N TRP G 29 -27.91 11.63 1.19
CA TRP G 29 -26.51 12.05 1.26
C TRP G 29 -25.69 11.23 2.30
N ASN G 30 -26.25 11.08 3.50
CA ASN G 30 -25.61 10.31 4.56
CA ASN G 30 -25.63 10.31 4.59
C ASN G 30 -25.25 8.88 4.08
N ASN G 31 -26.20 8.19 3.39
CA ASN G 31 -25.94 6.87 2.83
C ASN G 31 -24.82 6.91 1.78
N SER G 32 -24.76 7.99 0.98
CA SER G 32 -23.70 8.17 -0.05
C SER G 32 -22.31 8.31 0.57
N LEU G 33 -22.20 9.07 1.66
CA LEU G 33 -20.97 9.23 2.38
C LEU G 33 -20.54 7.89 2.99
N ALA G 34 -21.48 7.19 3.58
CA ALA G 34 -21.14 5.82 4.10
C ALA G 34 -20.68 4.88 2.97
N ASP G 35 -21.30 5.01 1.80
CA ASP G 35 -20.95 4.18 0.67
C ASP G 35 -19.51 4.45 0.20
N CYS G 36 -19.17 5.74 0.01
CA CYS G 36 -17.79 6.06 -0.40
C CYS G 36 -16.79 5.53 0.59
N SER G 37 -17.02 5.83 1.89
CA SER G 37 -16.16 5.39 2.99
C SER G 37 -16.00 3.84 2.98
N THR G 38 -17.09 3.10 2.84
CA THR G 38 -17.05 1.66 2.69
C THR G 38 -16.21 1.18 1.51
N LYS G 39 -16.24 1.96 0.43
CA LYS G 39 -15.38 1.70 -0.73
C LYS G 39 -13.98 2.32 -0.61
N GLU G 40 -13.61 2.78 0.58
CA GLU G 40 -12.30 3.37 0.86
C GLU G 40 -12.04 4.53 -0.08
N SER G 41 -12.99 5.43 -0.02
CA SER G 41 -13.03 6.61 -0.92
C SER G 41 -13.76 7.79 -0.28
N SER G 42 -13.62 8.92 -0.95
CA SER G 42 -14.18 10.15 -0.52
C SER G 42 -15.36 10.51 -1.40
N LEU G 43 -16.36 11.16 -0.83
CA LEU G 43 -17.36 11.83 -1.71
C LEU G 43 -16.59 12.93 -2.49
N LEU G 44 -17.03 13.22 -3.71
CA LEU G 44 -16.26 14.12 -4.56
C LEU G 44 -15.88 15.48 -3.89
N LEU G 45 -14.62 15.85 -3.94
CA LEU G 45 -14.14 17.17 -3.53
C LEU G 45 -13.83 17.98 -4.80
N ILE G 46 -14.14 19.27 -4.80
CA ILE G 46 -13.93 20.17 -6.03
C ILE G 46 -13.19 21.41 -5.58
N ARG G 47 -11.96 21.53 -6.02
CA ARG G 47 -11.05 22.56 -5.61
C ARG G 47 -11.32 23.92 -6.26
N ASP G 48 -11.85 23.94 -7.47
CA ASP G 48 -12.18 25.19 -8.19
C ASP G 48 -13.00 24.94 -9.47
N LYS G 49 -13.31 26.04 -10.17
CA LYS G 49 -14.15 26.04 -11.39
C LYS G 49 -13.62 25.14 -12.46
N ASP G 50 -12.29 25.11 -12.58
CA ASP G 50 -11.63 24.23 -13.56
C ASP G 50 -11.88 22.76 -13.26
N GLU G 51 -11.70 22.36 -12.00
CA GLU G 51 -12.09 20.96 -11.60
C GLU G 51 -13.63 20.70 -11.82
N LEU G 52 -14.45 21.66 -11.47
CA LEU G 52 -15.91 21.47 -11.70
C LEU G 52 -16.22 21.22 -13.16
N ILE G 53 -15.68 22.10 -14.01
CA ILE G 53 -15.98 22.00 -15.46
C ILE G 53 -15.55 20.66 -15.99
N HIS G 54 -14.34 20.27 -15.63
CA HIS G 54 -13.84 19.01 -16.13
C HIS G 54 -14.57 17.81 -15.61
N THR G 55 -15.05 17.86 -14.38
CA THR G 55 -15.90 16.76 -13.88
C THR G 55 -17.25 16.77 -14.61
N GLN G 56 -17.77 17.98 -14.78
CA GLN G 56 -19.03 18.13 -15.49
C GLN G 56 -18.98 17.58 -16.88
N ASN G 57 -17.82 17.68 -17.56
CA ASN G 57 -17.66 17.09 -18.90
C ASN G 57 -17.97 15.62 -18.94
N LEU G 58 -17.80 14.90 -17.83
CA LEU G 58 -18.11 13.47 -17.80
C LEU G 58 -19.56 13.15 -17.61
N ILE G 59 -20.40 14.14 -17.28
CA ILE G 59 -21.83 13.93 -17.08
C ILE G 59 -22.55 13.98 -18.45
N ARG G 60 -23.23 12.90 -18.80
CA ARG G 60 -23.69 12.70 -20.19
C ARG G 60 -25.13 13.13 -20.56
N ASP G 61 -25.85 13.74 -19.64
CA ASP G 61 -27.11 14.44 -19.95
C ASP G 61 -27.27 15.65 -19.05
N LYS G 62 -28.18 16.51 -19.48
CA LYS G 62 -28.32 17.85 -18.92
C LYS G 62 -29.06 17.89 -17.54
N ALA G 63 -29.73 16.81 -17.14
CA ALA G 63 -30.60 16.86 -15.94
C ALA G 63 -30.14 16.05 -14.69
N ILE G 64 -29.41 14.98 -14.91
CA ILE G 64 -29.00 14.04 -13.88
C ILE G 64 -28.17 14.73 -12.82
N LEU G 65 -28.45 14.38 -11.54
CA LEU G 65 -27.84 15.03 -10.37
C LEU G 65 -27.02 14.05 -9.55
N PHE G 66 -25.89 14.51 -8.99
CA PHE G 66 -24.97 13.69 -8.18
C PHE G 66 -24.56 14.46 -6.92
N TRP G 67 -24.65 13.80 -5.78
CA TRP G 67 -24.09 14.33 -4.54
C TRP G 67 -22.58 14.41 -4.61
N ILE G 68 -22.05 15.44 -4.00
CA ILE G 68 -20.66 15.65 -3.74
C ILE G 68 -20.41 15.88 -2.26
N GLY G 69 -19.14 15.98 -1.88
CA GLY G 69 -18.74 15.95 -0.46
C GLY G 69 -18.88 17.29 0.23
N LEU G 70 -20.06 17.93 0.10
CA LEU G 70 -20.25 19.27 0.56
C LEU G 70 -21.65 19.39 1.08
N ASN G 71 -21.79 19.89 2.29
CA ASN G 71 -23.10 20.07 2.85
C ASN G 71 -23.16 21.28 3.79
N PHE G 72 -24.35 21.57 4.33
CA PHE G 72 -24.57 22.74 5.15
C PHE G 72 -24.34 22.37 6.60
N SER G 73 -23.39 23.02 7.29
CA SER G 73 -23.21 22.71 8.69
C SER G 73 -24.22 23.51 9.59
N LEU G 74 -24.95 22.83 10.46
CA LEU G 74 -25.96 23.51 11.24
C LEU G 74 -25.25 24.34 12.33
N SER G 75 -24.34 23.75 13.07
CA SER G 75 -23.54 24.53 14.02
C SER G 75 -22.81 25.76 13.45
N GLU G 76 -22.29 25.72 12.22
CA GLU G 76 -21.56 26.88 11.65
C GLU G 76 -22.34 27.71 10.65
N LYS G 77 -23.51 27.23 10.24
CA LYS G 77 -24.34 27.97 9.27
C LYS G 77 -23.61 28.31 7.99
N ASN G 78 -22.81 27.38 7.49
CA ASN G 78 -22.18 27.55 6.20
C ASN G 78 -21.89 26.23 5.55
N TRP G 79 -21.56 26.29 4.29
CA TRP G 79 -21.17 25.11 3.53
C TRP G 79 -19.74 24.62 3.99
N LYS G 80 -19.59 23.33 4.28
CA LYS G 80 -18.33 22.69 4.68
C LYS G 80 -18.12 21.39 3.92
N TRP G 81 -16.93 21.24 3.35
CA TRP G 81 -16.49 19.99 2.74
C TRP G 81 -16.30 18.91 3.81
N ILE G 82 -16.35 17.65 3.38
CA ILE G 82 -16.19 16.53 4.32
C ILE G 82 -14.73 16.44 4.81
N ASN G 83 -13.78 17.10 4.15
CA ASN G 83 -12.44 17.28 4.75
C ASN G 83 -12.27 18.34 5.87
N GLY G 84 -13.35 18.93 6.34
CA GLY G 84 -13.33 19.92 7.42
C GLY G 84 -13.29 21.39 6.96
N SER G 85 -12.79 21.67 5.77
CA SER G 85 -12.70 23.03 5.29
C SER G 85 -14.08 23.65 4.92
N PHE G 86 -14.21 24.93 5.25
CA PHE G 86 -15.31 25.72 4.71
C PHE G 86 -15.17 25.84 3.24
N LEU G 87 -16.29 25.89 2.54
CA LEU G 87 -16.26 26.24 1.14
C LEU G 87 -15.56 27.61 0.91
N ASN G 88 -16.08 28.67 1.55
CA ASN G 88 -15.32 30.00 1.58
C ASN G 88 -14.92 30.46 0.13
N SER G 89 -15.87 30.27 -0.78
CA SER G 89 -15.67 30.56 -2.20
C SER G 89 -17.03 30.71 -2.89
N ASN G 90 -17.06 31.56 -3.92
CA ASN G 90 -18.23 31.65 -4.81
C ASN G 90 -18.05 30.89 -6.12
N ASP G 91 -17.00 30.10 -6.23
CA ASP G 91 -16.71 29.34 -7.46
C ASP G 91 -17.80 28.35 -7.93
N LEU G 92 -18.61 27.81 -7.02
CA LEU G 92 -19.55 26.80 -7.42
C LEU G 92 -20.87 27.46 -7.84
N GLU G 93 -21.10 28.72 -7.45
CA GLU G 93 -22.36 29.41 -7.79
C GLU G 93 -23.54 28.49 -7.47
N ILE G 94 -23.72 28.18 -6.19
CA ILE G 94 -24.73 27.25 -5.76
C ILE G 94 -26.12 27.88 -5.98
N ARG G 95 -27.02 27.12 -6.60
CA ARG G 95 -28.43 27.47 -6.66
C ARG G 95 -29.25 26.67 -5.66
N GLY G 96 -30.14 27.38 -4.98
CA GLY G 96 -31.08 26.79 -4.04
C GLY G 96 -30.72 27.32 -2.67
N ASP G 97 -31.44 26.87 -1.65
CA ASP G 97 -31.27 27.44 -0.30
C ASP G 97 -30.06 26.91 0.52
N ALA G 98 -29.34 27.84 1.15
CA ALA G 98 -28.36 27.51 2.19
C ALA G 98 -29.03 27.40 3.58
N LYS G 99 -29.47 26.20 3.95
CA LYS G 99 -30.18 26.01 5.16
C LYS G 99 -30.02 24.61 5.69
N GLU G 100 -30.51 24.38 6.91
CA GLU G 100 -30.35 23.12 7.58
C GLU G 100 -30.81 21.99 6.66
N ASN G 101 -30.14 20.85 6.73
CA ASN G 101 -30.49 19.61 6.04
CA ASN G 101 -30.49 19.58 5.98
C ASN G 101 -30.34 19.73 4.50
N SER G 102 -29.46 20.62 4.04
CA SER G 102 -29.14 20.81 2.67
C SER G 102 -27.71 20.30 2.41
N CYS G 103 -27.59 19.72 1.23
CA CYS G 103 -26.41 19.08 0.74
C CYS G 103 -26.19 19.49 -0.69
N ILE G 104 -24.94 19.48 -1.19
CA ILE G 104 -24.68 19.93 -2.54
C ILE G 104 -24.61 18.82 -3.58
N SER G 105 -25.28 19.04 -4.70
CA SER G 105 -25.28 18.16 -5.87
C SER G 105 -24.79 18.93 -7.11
N ILE G 106 -24.30 18.22 -8.12
CA ILE G 106 -23.91 18.82 -9.41
C ILE G 106 -24.66 18.18 -10.51
N SER G 107 -24.96 19.01 -11.53
CA SER G 107 -25.45 18.52 -12.81
C SER G 107 -24.37 18.86 -13.81
N GLN G 108 -24.61 18.47 -15.04
CA GLN G 108 -23.78 18.87 -16.18
C GLN G 108 -23.49 20.35 -16.30
N THR G 109 -24.43 21.20 -15.92
CA THR G 109 -24.23 22.65 -16.02
C THR G 109 -24.29 23.42 -14.73
N SER G 110 -24.82 22.86 -13.63
CA SER G 110 -24.96 23.69 -12.44
C SER G 110 -24.70 22.88 -11.16
N VAL G 111 -24.81 23.57 -10.04
CA VAL G 111 -24.58 23.10 -8.73
C VAL G 111 -25.83 23.51 -7.92
N TYR G 112 -26.46 22.53 -7.26
CA TYR G 112 -27.74 22.70 -6.56
C TYR G 112 -27.71 22.27 -5.11
N SER G 113 -28.27 23.10 -4.24
CA SER G 113 -28.59 22.71 -2.90
C SER G 113 -29.89 21.93 -2.91
N GLU G 114 -29.84 20.71 -2.39
CA GLU G 114 -31.02 19.84 -2.33
C GLU G 114 -31.09 19.28 -0.93
N TYR G 115 -32.28 18.92 -0.48
CA TYR G 115 -32.42 18.28 0.83
C TYR G 115 -31.60 17.01 0.93
N CYS G 116 -30.86 16.87 2.02
CA CYS G 116 -29.98 15.72 2.17
C CYS G 116 -30.71 14.39 2.20
N SER G 117 -31.99 14.38 2.63
CA SER G 117 -32.81 13.16 2.74
C SER G 117 -33.35 12.71 1.38
N THR G 118 -33.25 13.58 0.38
CA THR G 118 -33.71 13.27 -0.93
C THR G 118 -32.69 12.38 -1.61
N GLU G 119 -33.19 11.49 -2.44
CA GLU G 119 -32.38 10.42 -3.04
C GLU G 119 -31.96 10.68 -4.46
N ILE G 120 -30.65 10.79 -4.67
CA ILE G 120 -30.06 10.94 -5.97
C ILE G 120 -28.80 10.12 -6.07
N ARG G 121 -28.18 10.19 -7.21
CA ARG G 121 -26.91 9.51 -7.42
C ARG G 121 -25.78 10.21 -6.66
N TRP G 122 -24.60 9.64 -6.64
CA TRP G 122 -23.47 10.27 -5.93
C TRP G 122 -22.14 9.87 -6.64
N ILE G 123 -21.11 10.64 -6.36
CA ILE G 123 -19.82 10.45 -6.93
C ILE G 123 -18.78 10.29 -5.84
N CYS G 124 -18.03 9.18 -5.93
CA CYS G 124 -16.92 8.89 -5.07
C CYS G 124 -15.59 9.16 -5.79
N GLN G 125 -14.58 9.56 -5.03
CA GLN G 125 -13.24 9.78 -5.57
C GLN G 125 -12.16 9.00 -4.83
N LYS G 126 -11.16 8.54 -5.60
CA LYS G 126 -9.83 8.18 -5.02
C LYS G 126 -8.71 8.96 -5.74
N GLU G 127 -7.78 9.53 -4.98
CA GLU G 127 -6.63 10.29 -5.53
C GLU G 127 -5.55 9.35 -6.04
N LEU G 128 -5.18 9.50 -7.32
CA LEU G 128 -3.87 8.96 -7.85
C LEU G 128 -2.72 9.84 -7.38
N GLY H 4 4.56 1.24 -2.24
CA GLY H 4 5.29 1.43 -0.93
C GLY H 4 6.19 0.25 -0.56
N LEU H 5 7.00 0.47 0.48
CA LEU H 5 7.93 -0.54 0.99
C LEU H 5 7.14 -1.58 1.82
N LEU H 6 6.27 -1.13 2.71
CA LEU H 6 5.44 -1.98 3.56
C LEU H 6 4.00 -2.01 3.07
N ASN H 7 3.24 -3.00 3.53
CA ASN H 7 1.88 -3.16 3.09
C ASN H 7 1.00 -2.01 3.49
N CYS H 8 1.32 -1.34 4.59
CA CYS H 8 0.50 -0.24 5.11
C CYS H 8 1.25 1.05 4.90
N PRO H 9 0.52 2.13 4.56
CA PRO H 9 1.21 3.42 4.43
C PRO H 9 1.71 4.00 5.73
N ILE H 10 2.59 4.98 5.60
CA ILE H 10 3.22 5.65 6.74
C ILE H 10 2.14 6.18 7.70
N TYR H 11 2.37 5.98 9.00
CA TYR H 11 1.47 6.35 10.12
C TYR H 11 0.41 5.29 10.42
N TRP H 12 0.18 4.35 9.49
CA TRP H 12 -0.80 3.30 9.67
C TRP H 12 -0.14 2.01 10.18
N GLN H 13 -0.84 1.34 11.05
CA GLN H 13 -0.37 0.11 11.69
C GLN H 13 -1.01 -1.09 10.96
N GLN H 14 -0.21 -2.08 10.56
CA GLN H 14 -0.78 -3.35 10.05
C GLN H 14 -1.29 -4.24 11.18
N LEU H 15 -2.48 -4.79 11.02
CA LEU H 15 -3.02 -5.73 11.97
C LEU H 15 -3.79 -6.75 11.15
N ARG H 16 -3.15 -7.90 11.03
CA ARG H 16 -3.64 -8.99 10.21
CA ARG H 16 -3.61 -8.99 10.21
C ARG H 16 -3.89 -8.46 8.79
N GLU H 17 -5.12 -8.48 8.32
CA GLU H 17 -5.36 -8.11 6.94
C GLU H 17 -5.81 -6.65 6.75
N LYS H 18 -5.57 -5.78 7.75
CA LYS H 18 -6.00 -4.38 7.69
C LYS H 18 -4.83 -3.45 8.03
N CYS H 19 -4.97 -2.20 7.63
CA CYS H 19 -4.09 -1.13 8.05
C CYS H 19 -4.98 -0.20 8.89
N LEU H 20 -4.52 0.17 10.08
CA LEU H 20 -5.32 0.95 11.00
C LEU H 20 -4.66 2.31 11.23
N LEU H 21 -5.47 3.33 11.41
CA LEU H 21 -4.96 4.66 11.83
C LEU H 21 -5.75 5.12 13.01
N PHE H 22 -5.06 5.35 14.14
CA PHE H 22 -5.65 5.81 15.36
C PHE H 22 -5.48 7.32 15.35
N SER H 23 -6.55 8.10 15.50
CA SER H 23 -6.41 9.55 15.44
C SER H 23 -5.73 10.06 16.72
N HIS H 24 -5.14 11.23 16.60
CA HIS H 24 -4.51 11.93 17.74
C HIS H 24 -5.36 13.12 18.23
N THR H 25 -6.42 13.50 17.49
CA THR H 25 -7.38 14.52 17.91
C THR H 25 -8.79 13.95 18.07
N VAL H 26 -9.74 14.76 18.55
CA VAL H 26 -11.09 14.31 18.87
C VAL H 26 -12.10 14.82 17.92
N ASN H 27 -13.27 14.17 17.86
CA ASN H 27 -14.35 14.54 16.96
C ASN H 27 -15.66 13.86 17.41
N PRO H 28 -16.81 14.45 17.10
CA PRO H 28 -18.02 13.62 17.24
C PRO H 28 -18.00 12.59 16.13
N TRP H 29 -18.90 11.62 16.21
CA TRP H 29 -18.87 10.45 15.36
C TRP H 29 -19.02 10.82 13.91
N ASN H 30 -19.95 11.74 13.59
CA ASN H 30 -20.19 12.04 12.20
CA ASN H 30 -20.24 12.10 12.21
C ASN H 30 -18.96 12.64 11.49
N ASN H 31 -18.22 13.45 12.18
CA ASN H 31 -17.03 14.07 11.64
C ASN H 31 -15.88 13.06 11.54
N SER H 32 -15.85 12.10 12.44
CA SER H 32 -14.91 11.00 12.37
C SER H 32 -15.14 10.16 11.12
N LEU H 33 -16.38 9.88 10.79
CA LEU H 33 -16.71 9.18 9.54
C LEU H 33 -16.24 9.96 8.31
N ALA H 34 -16.53 11.27 8.26
CA ALA H 34 -16.03 12.16 7.23
C ALA H 34 -14.49 12.16 7.09
N ASP H 35 -13.80 12.14 8.20
CA ASP H 35 -12.36 12.09 8.25
C ASP H 35 -11.87 10.78 7.62
N CYS H 36 -12.44 9.64 8.00
CA CYS H 36 -12.00 8.39 7.40
C CYS H 36 -12.26 8.44 5.91
N SER H 37 -13.43 8.91 5.46
CA SER H 37 -13.72 8.97 4.02
C SER H 37 -12.75 9.87 3.24
N THR H 38 -12.47 11.02 3.80
CA THR H 38 -11.43 11.91 3.33
C THR H 38 -10.04 11.24 3.23
N LYS H 39 -9.70 10.34 4.13
CA LYS H 39 -8.40 9.61 4.03
C LYS H 39 -8.58 8.31 3.21
N GLU H 40 -9.69 8.19 2.48
CA GLU H 40 -10.00 7.02 1.63
C GLU H 40 -10.00 5.70 2.42
N SER H 41 -10.82 5.72 3.46
CA SER H 41 -10.88 4.66 4.42
C SER H 41 -12.27 4.62 5.05
N SER H 42 -12.47 3.59 5.86
CA SER H 42 -13.66 3.45 6.62
C SER H 42 -13.33 3.59 8.10
N LEU H 43 -14.29 4.04 8.89
CA LEU H 43 -14.25 3.80 10.32
C LEU H 43 -14.16 2.26 10.61
N LEU H 44 -13.42 1.93 11.61
CA LEU H 44 -13.18 0.51 12.00
C LEU H 44 -14.43 -0.35 12.03
N LEU H 45 -14.34 -1.47 11.36
CA LEU H 45 -15.39 -2.57 11.33
C LEU H 45 -14.77 -3.75 12.04
N ILE H 46 -15.46 -4.32 13.02
CA ILE H 46 -14.91 -5.37 13.86
C ILE H 46 -15.72 -6.63 13.58
N ARG H 47 -15.06 -7.63 13.04
CA ARG H 47 -15.69 -8.86 12.50
C ARG H 47 -16.17 -9.79 13.60
N ASP H 48 -15.41 -9.84 14.69
CA ASP H 48 -15.66 -10.76 15.79
C ASP H 48 -14.85 -10.37 17.04
N LYS H 49 -15.05 -11.08 18.15
CA LYS H 49 -14.37 -10.88 19.42
C LYS H 49 -12.86 -10.95 19.25
N ASP H 50 -12.38 -11.93 18.51
CA ASP H 50 -10.95 -12.02 18.21
C ASP H 50 -10.32 -10.73 17.64
N GLU H 51 -10.93 -10.20 16.60
CA GLU H 51 -10.45 -8.93 16.06
C GLU H 51 -10.48 -7.79 17.10
N LEU H 52 -11.54 -7.70 17.91
CA LEU H 52 -11.59 -6.69 18.93
C LEU H 52 -10.37 -6.77 19.82
N ILE H 53 -10.07 -7.98 20.30
CA ILE H 53 -8.97 -8.18 21.25
C ILE H 53 -7.65 -7.84 20.61
N HIS H 54 -7.45 -8.27 19.39
CA HIS H 54 -6.22 -7.97 18.68
C HIS H 54 -6.03 -6.49 18.47
N THR H 55 -7.12 -5.76 18.27
CA THR H 55 -7.06 -4.30 18.08
C THR H 55 -6.74 -3.62 19.38
N GLN H 56 -7.46 -4.02 20.41
CA GLN H 56 -7.19 -3.58 21.74
C GLN H 56 -5.74 -3.80 22.25
N ASN H 57 -5.09 -4.88 21.85
CA ASN H 57 -3.64 -5.11 22.16
C ASN H 57 -2.64 -4.15 21.47
N LEU H 58 -3.12 -3.24 20.65
CA LEU H 58 -2.27 -2.19 20.14
C LEU H 58 -2.29 -0.98 21.07
N ILE H 59 -3.27 -0.90 21.96
CA ILE H 59 -3.55 0.35 22.65
C ILE H 59 -2.78 0.34 24.03
N ARG H 60 -2.00 1.37 24.29
CA ARG H 60 -1.24 1.51 25.58
C ARG H 60 -2.09 2.15 26.64
N ASP H 61 -2.64 3.31 26.31
CA ASP H 61 -3.38 4.12 27.27
C ASP H 61 -4.76 3.50 27.56
N LYS H 62 -4.92 2.98 28.77
CA LYS H 62 -6.20 2.42 29.27
C LYS H 62 -7.44 3.38 29.27
N ALA H 63 -7.24 4.67 29.25
CA ALA H 63 -8.34 5.62 29.45
C ALA H 63 -9.00 6.11 28.16
N ILE H 64 -8.40 5.82 27.02
CA ILE H 64 -8.74 6.56 25.80
C ILE H 64 -9.82 5.77 25.05
N LEU H 65 -10.79 6.50 24.49
CA LEU H 65 -11.90 5.93 23.71
C LEU H 65 -11.72 6.24 22.23
N PHE H 66 -12.15 5.32 21.39
CA PHE H 66 -12.05 5.50 19.95
C PHE H 66 -13.36 5.10 19.33
N TRP H 67 -13.93 5.98 18.52
CA TRP H 67 -15.09 5.64 17.74
C TRP H 67 -14.72 4.53 16.76
N ILE H 68 -15.70 3.66 16.54
CA ILE H 68 -15.68 2.67 15.46
C ILE H 68 -16.89 2.89 14.57
N GLY H 69 -16.99 2.17 13.45
CA GLY H 69 -18.05 2.41 12.43
C GLY H 69 -19.40 1.76 12.68
N LEU H 70 -19.90 1.94 13.90
CA LEU H 70 -21.12 1.33 14.43
C LEU H 70 -22.00 2.40 15.11
N ASN H 71 -23.23 2.63 14.65
CA ASN H 71 -24.14 3.50 15.37
C ASN H 71 -25.53 2.86 15.43
N PHE H 72 -26.46 3.54 16.11
CA PHE H 72 -27.78 2.97 16.43
C PHE H 72 -28.73 3.32 15.35
N SER H 73 -29.38 2.32 14.81
CA SER H 73 -30.39 2.51 13.76
C SER H 73 -31.75 2.52 14.48
N LEU H 74 -32.37 3.68 14.58
CA LEU H 74 -33.54 3.83 15.46
C LEU H 74 -34.74 2.98 15.05
N SER H 75 -35.05 2.93 13.79
CA SER H 75 -36.23 2.17 13.35
C SER H 75 -36.21 0.69 13.74
N GLU H 76 -35.07 0.01 13.57
CA GLU H 76 -34.91 -1.38 13.92
C GLU H 76 -34.43 -1.61 15.33
N LYS H 77 -34.04 -0.56 16.03
CA LYS H 77 -33.56 -0.66 17.40
C LYS H 77 -32.37 -1.54 17.45
N ASN H 78 -31.50 -1.46 16.44
CA ASN H 78 -30.23 -2.20 16.56
CA ASN H 78 -30.29 -2.31 16.29
C ASN H 78 -29.09 -1.36 16.01
N TRP H 79 -27.90 -1.76 16.43
CA TRP H 79 -26.62 -1.21 15.96
C TRP H 79 -26.42 -1.65 14.53
N LYS H 80 -25.92 -0.76 13.71
CA LYS H 80 -25.69 -0.99 12.32
C LYS H 80 -24.30 -0.48 11.91
N TRP H 81 -23.54 -1.30 11.15
CA TRP H 81 -22.23 -0.94 10.71
C TRP H 81 -22.41 0.03 9.55
N ILE H 82 -21.42 0.88 9.30
CA ILE H 82 -21.51 1.79 8.17
C ILE H 82 -21.47 1.08 6.78
N ASN H 83 -21.06 -0.18 6.75
CA ASN H 83 -21.14 -0.96 5.51
C ASN H 83 -22.57 -1.50 5.23
N GLY H 84 -23.53 -1.23 6.12
CA GLY H 84 -24.93 -1.61 5.90
C GLY H 84 -25.38 -2.88 6.60
N SER H 85 -24.48 -3.68 7.15
CA SER H 85 -24.86 -4.78 8.01
C SER H 85 -25.29 -4.33 9.38
N PHE H 86 -26.29 -5.02 9.91
CA PHE H 86 -26.67 -4.94 11.31
C PHE H 86 -25.67 -5.69 12.14
N LEU H 87 -25.48 -5.26 13.40
CA LEU H 87 -24.62 -5.98 14.33
C LEU H 87 -25.20 -7.41 14.49
N ASN H 88 -24.44 -8.45 14.13
CA ASN H 88 -25.03 -9.79 13.91
C ASN H 88 -24.90 -10.70 15.16
N SER H 89 -24.20 -10.20 16.18
CA SER H 89 -23.87 -10.98 17.34
C SER H 89 -23.59 -10.12 18.58
N ASN H 90 -23.33 -10.83 19.68
CA ASN H 90 -23.00 -10.22 20.95
C ASN H 90 -21.51 -10.36 21.26
N ASP H 91 -20.71 -10.72 20.25
CA ASP H 91 -19.25 -10.74 20.35
C ASP H 91 -18.63 -9.50 21.06
N LEU H 92 -19.21 -8.30 20.85
CA LEU H 92 -18.65 -7.02 21.39
C LEU H 92 -18.99 -6.67 22.84
N GLU H 93 -20.09 -7.19 23.37
CA GLU H 93 -20.48 -6.89 24.78
C GLU H 93 -20.65 -5.42 25.12
N ILE H 94 -21.48 -4.76 24.33
CA ILE H 94 -21.65 -3.33 24.44
C ILE H 94 -22.27 -2.91 25.79
N ARG H 95 -21.65 -1.94 26.43
CA ARG H 95 -22.06 -1.39 27.71
C ARG H 95 -22.70 -0.02 27.54
N GLY H 96 -23.83 0.20 28.21
CA GLY H 96 -24.55 1.44 28.15
C GLY H 96 -25.81 1.23 27.35
N ASP H 97 -26.55 2.32 27.16
CA ASP H 97 -27.89 2.26 26.54
C ASP H 97 -27.89 2.29 25.01
N ALA H 98 -28.63 1.36 24.44
CA ALA H 98 -28.95 1.37 23.03
C ALA H 98 -30.12 2.32 22.83
N LYS H 99 -29.83 3.52 22.38
CA LYS H 99 -30.87 4.50 22.20
C LYS H 99 -30.50 5.46 21.09
N GLU H 100 -31.43 6.31 20.75
CA GLU H 100 -31.30 7.18 19.63
C GLU H 100 -30.04 8.04 19.75
N ASN H 101 -29.40 8.38 18.64
CA ASN H 101 -28.21 9.19 18.69
C ASN H 101 -27.05 8.63 19.52
N SER H 102 -26.95 7.32 19.58
CA SER H 102 -25.83 6.65 20.20
C SER H 102 -24.93 5.98 19.13
N CYS H 103 -23.66 5.89 19.48
CA CYS H 103 -22.61 5.38 18.56
C CYS H 103 -21.63 4.57 19.41
N ILE H 104 -20.80 3.72 18.81
CA ILE H 104 -19.97 2.80 19.59
C ILE H 104 -18.51 3.18 19.58
N SER H 105 -17.91 3.13 20.77
CA SER H 105 -16.52 3.43 21.04
C SER H 105 -15.92 2.23 21.66
N ILE H 106 -14.62 2.11 21.51
CA ILE H 106 -13.87 1.07 22.23
C ILE H 106 -12.73 1.70 23.00
N SER H 107 -12.33 1.00 24.07
CA SER H 107 -11.08 1.31 24.79
C SER H 107 -10.24 0.07 24.70
N GLN H 108 -9.09 0.13 25.34
CA GLN H 108 -8.27 -1.07 25.53
C GLN H 108 -8.98 -2.22 26.19
N THR H 109 -9.91 -1.96 27.09
CA THR H 109 -10.60 -3.03 27.83
C THR H 109 -12.05 -3.27 27.49
N SER H 110 -12.78 -2.29 26.91
CA SER H 110 -14.25 -2.43 26.78
C SER H 110 -14.80 -1.78 25.53
N VAL H 111 -16.11 -1.88 25.39
CA VAL H 111 -16.88 -1.35 24.31
C VAL H 111 -18.08 -0.61 24.92
N TYR H 112 -18.28 0.66 24.50
CA TYR H 112 -19.32 1.51 25.03
C TYR H 112 -20.22 2.10 24.01
N SER H 113 -21.49 2.26 24.42
CA SER H 113 -22.41 3.18 23.82
C SER H 113 -22.20 4.58 24.37
N GLU H 114 -22.16 5.59 23.51
CA GLU H 114 -21.91 6.95 23.82
C GLU H 114 -22.80 7.75 22.95
N TYR H 115 -23.12 8.96 23.37
CA TYR H 115 -23.82 9.90 22.49
C TYR H 115 -22.91 10.23 21.33
N CYS H 116 -23.47 10.22 20.13
CA CYS H 116 -22.71 10.48 18.90
C CYS H 116 -22.04 11.84 18.87
N SER H 117 -22.57 12.79 19.67
CA SER H 117 -22.01 14.14 19.75
C SER H 117 -20.78 14.19 20.64
N THR H 118 -20.52 13.19 21.47
CA THR H 118 -19.31 13.19 22.26
C THR H 118 -18.02 13.26 21.39
N GLU H 119 -17.04 14.03 21.83
CA GLU H 119 -15.80 14.26 21.09
C GLU H 119 -14.70 13.37 21.65
N ILE H 120 -14.40 12.30 20.92
CA ILE H 120 -13.33 11.36 21.22
C ILE H 120 -12.49 11.08 19.97
N ARG H 121 -11.44 10.31 20.12
CA ARG H 121 -10.61 9.88 19.00
C ARG H 121 -11.39 8.84 18.14
N TRP H 122 -10.79 8.45 17.03
CA TRP H 122 -11.42 7.47 16.14
C TRP H 122 -10.38 6.63 15.44
N ILE H 123 -10.82 5.48 14.94
CA ILE H 123 -9.96 4.56 14.22
C ILE H 123 -10.46 4.35 12.77
N CYS H 124 -9.59 4.60 11.80
CA CYS H 124 -9.87 4.28 10.41
C CYS H 124 -9.22 2.97 9.97
N GLN H 125 -9.78 2.32 8.95
CA GLN H 125 -9.15 1.16 8.34
C GLN H 125 -9.12 1.18 6.83
N LYS H 126 -8.14 0.46 6.31
CA LYS H 126 -8.04 0.11 4.91
C LYS H 126 -7.77 -1.40 4.90
N GLU H 127 -8.48 -2.15 4.08
CA GLU H 127 -8.33 -3.60 4.02
C GLU H 127 -7.25 -3.97 2.99
N LEU H 128 -6.33 -4.86 3.38
CA LEU H 128 -5.33 -5.45 2.47
C LEU H 128 -5.94 -6.65 1.77
N THR H 129 -6.78 -7.41 2.43
CA THR H 129 -7.53 -8.57 1.86
C THR H 129 -8.99 -8.40 2.29
N PRO H 130 -9.77 -7.70 1.45
CA PRO H 130 -11.23 -7.50 1.71
C PRO H 130 -11.97 -8.80 1.45
N VAL H 131 -13.13 -9.01 2.05
CA VAL H 131 -13.93 -10.24 1.74
C VAL H 131 -14.19 -10.35 0.24
N ARG H 132 -14.63 -9.25 -0.40
CA ARG H 132 -14.84 -9.17 -1.88
C ARG H 132 -14.54 -7.74 -2.40
#